data_8UPM
#
_entry.id   8UPM
#
_cell.length_a   1.00
_cell.length_b   1.00
_cell.length_c   1.00
_cell.angle_alpha   90.00
_cell.angle_beta   90.00
_cell.angle_gamma   90.00
#
_symmetry.space_group_name_H-M   'P 1'
#
loop_
_entity.id
_entity.type
_entity.pdbx_description
1 polymer 'Bacteriophytochrome (Light-regulated signal transduction histidine kinase)'
2 non-polymer 'BILIVERDINE IX ALPHA'
#
_entity_poly.entity_id   1
_entity_poly.type   'polypeptide(L)'
_entity_poly.pdbx_seq_one_letter_code
;MRPSVSELELSQCDREPIHLLGGIQAYGVLLAFRGPDRRLEVVSANTQALLGRPPEALLGKTAAQVLPAELWAQWELLSA
RGALRVALPSGPYRALLHESDGLTVLELEPAELQPDMEETALELVRRLVSPLAGAKGTRELLQTAANTVRALTGFDRVMV
YRFDADWHGEVLAESKREGMDGFLGMHFPATDIPVQARALYTRNPLRLIANARARPVPLVPSVVPELGRPLDLSGSALRS
VSPIHLEYLRNMGVEASFSLSLLKDGALWGLIACHHLAPLHLSYERRRACEVLTQLLALQLSSEERAAEAAEDSHRAALL
GPLATSLGAGGTLEEALAKDGARVLELTGATGAALLLGGEPLLVGRTPSMDEVEALAAWLAPQPFQTSFHTERLGSLYPP
LAARADVAAGLLAVRLAPASSRLALWFRPEAVRTISWAGNPRKPAEPEPGHARLHPRGSFQAWEETVRETSPAWKRADLA
AAEGFRSALIGVVLRQAAELERLSEALSRSNAELDAFGHTVAHDLKEPLRGIQQYAGFVMEDYHGALGPEGRGHMESLMW
LAQRSGDMLDGLFEYSRAGRVDLAWGEVNMQEVVDEVLATLSTRFQAEKLTVRMPRRLPTVRCDGIRIAQVWANLLVNAA
KYQEGPERWVEAGFHGPGEPRPGAAGRYASAYVFYVKDPGIGIAPPFHEAIFEMFRRLHSAKAYGGGTGVGLAIARRLVQ
LHGGALWVDSAPKQGATFYFTLGRGPG
;
_entity_poly.pdbx_strand_id   A,B
#
loop_
_chem_comp.id
_chem_comp.type
_chem_comp.name
_chem_comp.formula
BLA non-polymer 'BILIVERDINE IX ALPHA' 'C33 H34 N4 O6'
#
# COMPACT_ATOMS: atom_id res chain seq x y z
N GLU A 9 -25.00 39.50 6.76
CA GLU A 9 -23.87 38.84 6.10
C GLU A 9 -24.35 37.83 5.06
N LEU A 10 -24.26 38.23 3.79
CA LEU A 10 -24.69 37.39 2.67
C LEU A 10 -23.59 37.34 1.62
N SER A 11 -23.56 36.23 0.88
CA SER A 11 -22.59 35.99 -0.19
C SER A 11 -21.15 35.99 0.31
N GLN A 12 -20.95 35.82 1.62
CA GLN A 12 -19.62 35.80 2.18
C GLN A 12 -18.96 34.44 1.99
N CYS A 13 -17.64 34.41 2.20
CA CYS A 13 -16.75 33.26 2.30
C CYS A 13 -15.79 33.16 1.12
N ASP A 14 -16.30 32.66 -0.01
CA ASP A 14 -15.45 32.45 -1.18
C ASP A 14 -14.78 33.74 -1.64
N ARG A 15 -15.48 34.87 -1.55
CA ARG A 15 -14.86 36.15 -1.87
C ARG A 15 -13.76 36.49 -0.87
N GLU A 16 -13.97 36.17 0.39
CA GLU A 16 -13.03 36.53 1.45
C GLU A 16 -11.79 35.66 1.41
N PRO A 17 -10.59 36.23 1.27
CA PRO A 17 -9.38 35.42 1.42
C PRO A 17 -9.20 34.96 2.85
N ILE A 18 -8.58 33.79 3.01
CA ILE A 18 -8.41 33.20 4.33
C ILE A 18 -6.95 33.18 4.77
N HIS A 19 -6.00 33.52 3.89
CA HIS A 19 -4.60 33.55 4.31
C HIS A 19 -4.18 34.91 4.83
N LEU A 20 -5.07 35.90 4.88
CA LEU A 20 -4.71 37.26 5.27
C LEU A 20 -5.74 37.90 6.21
N LEU A 21 -6.26 37.14 7.18
CA LEU A 21 -7.14 37.74 8.18
C LEU A 21 -6.38 38.68 9.11
N GLY A 22 -5.09 38.43 9.34
CA GLY A 22 -4.35 39.20 10.31
C GLY A 22 -4.81 38.99 11.74
N GLY A 23 -5.11 37.75 12.11
CA GLY A 23 -5.54 37.44 13.45
C GLY A 23 -4.89 36.17 13.96
N ILE A 24 -4.63 36.14 15.26
CA ILE A 24 -3.96 35.02 15.91
C ILE A 24 -4.79 34.63 17.14
N GLN A 25 -4.97 33.33 17.33
CA GLN A 25 -5.64 32.84 18.53
C GLN A 25 -4.72 33.02 19.74
N ALA A 26 -5.33 33.00 20.92
CA ALA A 26 -4.60 33.19 22.16
C ALA A 26 -3.75 31.99 22.55
N TYR A 27 -3.65 30.98 21.69
CA TYR A 27 -2.90 29.78 22.04
C TYR A 27 -1.40 30.07 22.14
N GLY A 28 -0.83 30.73 21.12
CA GLY A 28 0.59 30.97 21.06
C GLY A 28 0.92 32.45 20.89
N VAL A 29 2.23 32.72 20.79
CA VAL A 29 2.74 34.07 20.63
C VAL A 29 3.75 34.08 19.50
N LEU A 30 3.60 35.03 18.57
CA LEU A 30 4.51 35.09 17.43
C LEU A 30 5.11 36.48 17.29
N LEU A 31 6.31 36.53 16.72
CA LEU A 31 7.01 37.77 16.45
C LEU A 31 7.64 37.69 15.07
N ALA A 32 7.80 38.85 14.43
CA ALA A 32 8.35 38.93 13.09
C ALA A 32 9.70 39.65 13.11
N PHE A 33 10.71 39.02 12.53
CA PHE A 33 12.07 39.55 12.45
C PHE A 33 12.44 39.77 10.99
N ARG A 34 13.26 40.78 10.74
CA ARG A 34 13.74 41.07 9.39
C ARG A 34 15.05 41.85 9.47
N GLY A 35 16.00 41.47 8.62
CA GLY A 35 17.27 42.15 8.54
C GLY A 35 18.24 41.72 9.61
N PRO A 36 19.49 42.18 9.50
CA PRO A 36 20.47 41.89 10.56
C PRO A 36 20.04 42.42 11.91
N ASP A 37 19.36 43.56 11.96
CA ASP A 37 18.82 44.05 13.22
C ASP A 37 17.75 43.11 13.76
N ARG A 38 17.07 42.39 12.88
CA ARG A 38 15.94 41.52 13.25
C ARG A 38 14.89 42.33 14.02
N ARG A 39 14.45 43.42 13.40
CA ARG A 39 13.54 44.36 14.04
C ARG A 39 12.19 43.69 14.30
N LEU A 40 11.50 44.18 15.33
CA LEU A 40 10.18 43.67 15.70
C LEU A 40 9.12 44.39 14.88
N GLU A 41 9.06 44.04 13.59
CA GLU A 41 8.09 44.67 12.70
C GLU A 41 6.66 44.32 13.10
N VAL A 42 6.41 43.05 13.41
CA VAL A 42 5.09 42.57 13.79
C VAL A 42 5.20 41.85 15.12
N VAL A 43 4.40 42.28 16.10
CA VAL A 43 4.36 41.65 17.41
C VAL A 43 2.90 41.41 17.79
N SER A 44 2.72 40.51 18.75
CA SER A 44 1.40 40.14 19.24
C SER A 44 0.93 41.11 20.32
N ALA A 45 -0.34 40.95 20.71
CA ALA A 45 -0.87 41.77 21.79
C ALA A 45 -0.68 41.10 23.15
N ASN A 46 -0.48 39.80 23.17
CA ASN A 46 -0.32 39.05 24.41
C ASN A 46 1.13 38.88 24.84
N THR A 47 2.08 39.51 24.15
CA THR A 47 3.48 39.37 24.47
C THR A 47 3.86 40.02 25.80
N GLN A 48 2.97 40.81 26.40
CA GLN A 48 3.28 41.48 27.65
C GLN A 48 3.59 40.48 28.75
N ALA A 49 2.83 39.39 28.83
CA ALA A 49 3.03 38.41 29.89
C ALA A 49 4.40 37.76 29.79
N LEU A 50 4.75 37.25 28.61
CA LEU A 50 6.02 36.54 28.47
C LEU A 50 7.21 37.49 28.46
N LEU A 51 7.12 38.59 27.70
CA LEU A 51 8.25 39.50 27.58
C LEU A 51 8.41 40.39 28.80
N GLY A 52 7.32 40.70 29.49
CA GLY A 52 7.38 41.56 30.66
C GLY A 52 7.33 43.04 30.39
N ARG A 53 7.14 43.46 29.15
CA ARG A 53 7.07 44.86 28.78
C ARG A 53 5.87 45.09 27.87
N PRO A 54 5.33 46.31 27.84
CA PRO A 54 4.20 46.61 26.96
C PRO A 54 4.58 46.41 25.50
N PRO A 55 3.66 45.88 24.68
CA PRO A 55 4.03 45.57 23.28
C PRO A 55 4.50 46.77 22.48
N GLU A 56 3.94 47.96 22.73
CA GLU A 56 4.37 49.14 22.00
C GLU A 56 5.82 49.50 22.31
N ALA A 57 6.28 49.22 23.53
CA ALA A 57 7.69 49.42 23.86
C ALA A 57 8.57 48.48 23.07
N LEU A 58 8.13 47.23 22.89
CA LEU A 58 8.90 46.25 22.13
C LEU A 58 9.17 46.71 20.70
N LEU A 59 8.26 47.51 20.14
CA LEU A 59 8.43 47.97 18.77
C LEU A 59 9.67 48.84 18.64
N GLY A 60 10.38 48.68 17.54
CA GLY A 60 11.56 49.47 17.26
C GLY A 60 12.73 49.27 18.20
N LYS A 61 13.00 48.02 18.57
CA LYS A 61 14.17 47.69 19.37
C LYS A 61 14.87 46.49 18.78
N THR A 62 16.18 46.39 19.05
CA THR A 62 16.98 45.29 18.54
C THR A 62 16.53 43.97 19.15
N ALA A 63 16.64 42.91 18.36
CA ALA A 63 16.17 41.60 18.80
C ALA A 63 17.01 41.05 19.95
N ALA A 64 18.31 41.40 20.00
CA ALA A 64 19.16 40.89 21.07
C ALA A 64 18.70 41.39 22.43
N GLN A 65 18.32 42.67 22.51
CA GLN A 65 17.92 43.23 23.81
C GLN A 65 16.57 42.69 24.26
N VAL A 66 15.61 42.62 23.34
CA VAL A 66 14.24 42.27 23.73
C VAL A 66 14.15 40.80 24.12
N LEU A 67 14.81 39.92 23.39
CA LEU A 67 14.68 38.49 23.62
C LEU A 67 15.30 38.10 24.96
N PRO A 68 14.58 37.32 25.78
CA PRO A 68 15.20 36.74 26.98
C PRO A 68 16.35 35.82 26.59
N ALA A 69 17.33 35.72 27.51
CA ALA A 69 18.53 34.95 27.23
C ALA A 69 18.23 33.48 26.95
N GLU A 70 17.15 32.96 27.52
CA GLU A 70 16.81 31.55 27.30
C GLU A 70 16.54 31.26 25.83
N LEU A 71 15.78 32.13 25.16
CA LEU A 71 15.52 31.93 23.74
C LEU A 71 16.77 32.26 22.90
N TRP A 72 17.51 33.30 23.30
CA TRP A 72 18.66 33.74 22.52
C TRP A 72 19.79 32.70 22.53
N ALA A 73 19.88 31.91 23.61
CA ALA A 73 20.99 30.98 23.75
C ALA A 73 21.00 29.91 22.67
N GLN A 74 19.84 29.35 22.33
CA GLN A 74 19.74 28.30 21.33
C GLN A 74 19.15 28.80 20.01
N TRP A 75 19.29 30.10 19.73
CA TRP A 75 18.72 30.65 18.50
C TRP A 75 19.35 30.05 17.27
N GLU A 76 20.68 29.85 17.29
CA GLU A 76 21.35 29.24 16.15
C GLU A 76 20.86 27.81 15.92
N LEU A 77 20.71 27.02 16.99
CA LEU A 77 20.17 25.67 16.85
C LEU A 77 18.71 25.71 16.42
N LEU A 78 17.97 26.72 16.91
CA LEU A 78 16.57 26.88 16.50
C LEU A 78 16.46 27.11 15.00
N SER A 79 17.32 27.98 14.46
CA SER A 79 17.35 28.17 13.01
C SER A 79 17.84 26.93 12.29
N ALA A 80 18.75 26.18 12.90
CA ALA A 80 19.25 24.96 12.27
C ALA A 80 18.16 23.91 12.11
N ARG A 81 17.32 23.74 13.14
CA ARG A 81 16.28 22.72 13.11
C ARG A 81 14.88 23.28 13.03
N GLY A 82 14.50 24.18 13.93
CA GLY A 82 13.16 24.70 13.99
C GLY A 82 12.31 24.21 15.14
N ALA A 83 12.87 23.39 16.02
CA ALA A 83 12.12 22.91 17.18
C ALA A 83 13.11 22.39 18.22
N LEU A 84 13.16 23.04 19.38
CA LEU A 84 13.97 22.59 20.49
C LEU A 84 13.38 23.11 21.78
N ARG A 85 13.75 22.48 22.89
CA ARG A 85 13.19 22.81 24.20
C ARG A 85 13.91 24.00 24.81
N VAL A 86 13.13 25.00 25.23
CA VAL A 86 13.64 26.16 25.95
C VAL A 86 12.82 26.32 27.22
N ALA A 87 13.49 26.41 28.36
CA ALA A 87 12.83 26.52 29.66
C ALA A 87 12.95 27.95 30.16
N LEU A 88 11.81 28.57 30.44
CA LEU A 88 11.71 29.90 31.00
C LEU A 88 11.43 29.81 32.49
N PRO A 89 11.61 30.91 33.23
CA PRO A 89 11.18 30.91 34.63
C PRO A 89 9.72 30.56 34.81
N SER A 90 8.86 30.99 33.88
CA SER A 90 7.47 30.56 33.90
C SER A 90 7.34 29.07 33.61
N GLY A 91 8.09 28.59 32.62
CA GLY A 91 8.06 27.19 32.26
C GLY A 91 8.68 26.93 30.89
N PRO A 92 8.60 25.67 30.43
CA PRO A 92 9.15 25.35 29.12
C PRO A 92 8.18 25.71 28.00
N TYR A 93 8.74 26.12 26.86
CA TYR A 93 7.95 26.59 25.73
C TYR A 93 8.49 26.01 24.43
N ARG A 94 7.57 25.55 23.58
CA ARG A 94 7.91 25.12 22.24
C ARG A 94 8.25 26.33 21.38
N ALA A 95 9.30 26.20 20.56
CA ALA A 95 9.75 27.30 19.72
C ALA A 95 9.93 26.84 18.29
N LEU A 96 9.61 27.71 17.34
CA LEU A 96 9.69 27.34 15.93
C LEU A 96 9.97 28.58 15.09
N LEU A 97 10.56 28.36 13.91
CA LEU A 97 10.85 29.41 12.95
C LEU A 97 10.09 29.15 11.66
N HIS A 98 9.47 30.19 11.11
CA HIS A 98 8.79 30.08 9.82
C HIS A 98 8.96 31.36 9.04
N GLU A 99 9.38 31.24 7.78
CA GLU A 99 9.67 32.39 6.94
C GLU A 99 8.47 32.66 6.02
N SER A 100 7.93 33.88 6.10
CA SER A 100 6.80 34.28 5.27
C SER A 100 7.02 35.70 4.75
N ASP A 101 6.79 35.90 3.46
CA ASP A 101 6.91 37.20 2.81
C ASP A 101 8.30 37.82 2.97
N GLY A 102 9.33 37.00 3.14
CA GLY A 102 10.67 37.49 3.36
C GLY A 102 11.01 37.84 4.79
N LEU A 103 10.06 37.73 5.71
CA LEU A 103 10.28 38.02 7.12
C LEU A 103 10.28 36.70 7.88
N THR A 104 11.24 36.52 8.78
CA THR A 104 11.23 35.35 9.63
C THR A 104 10.23 35.55 10.77
N VAL A 105 9.71 34.44 11.29
CA VAL A 105 8.71 34.49 12.35
C VAL A 105 9.11 33.50 13.43
N LEU A 106 9.23 34.01 14.66
CA LEU A 106 9.44 33.20 15.85
C LEU A 106 8.08 32.88 16.46
N GLU A 107 7.81 31.59 16.66
CA GLU A 107 6.55 31.13 17.20
C GLU A 107 6.81 30.40 18.52
N LEU A 108 6.07 30.78 19.55
CA LEU A 108 6.20 30.20 20.89
C LEU A 108 4.85 29.62 21.30
N GLU A 109 4.88 28.38 21.78
CA GLU A 109 3.72 27.59 22.14
C GLU A 109 3.86 27.10 23.57
N PRO A 110 2.80 27.15 24.37
CA PRO A 110 2.89 26.70 25.77
C PRO A 110 3.02 25.19 25.86
N ALA A 111 4.22 24.72 26.18
CA ALA A 111 4.45 23.29 26.32
C ALA A 111 3.84 22.79 27.63
N GLU A 112 3.58 21.48 27.66
CA GLU A 112 2.99 20.87 28.83
C GLU A 112 3.99 20.82 29.98
N LEU A 113 3.46 20.76 31.21
CA LEU A 113 4.30 20.65 32.39
C LEU A 113 4.89 19.26 32.58
N GLN A 114 4.52 18.30 31.73
CA GLN A 114 5.02 16.95 31.87
C GLN A 114 6.54 16.92 31.65
N PRO A 115 7.24 16.03 32.34
CA PRO A 115 8.70 15.95 32.16
C PRO A 115 9.12 15.55 30.75
N ASP A 116 8.21 14.96 29.97
CA ASP A 116 8.41 14.54 28.58
C ASP A 116 9.35 13.35 28.45
N MET A 117 9.85 12.79 29.57
CA MET A 117 10.66 11.58 29.48
C MET A 117 9.81 10.40 28.99
N GLU A 118 8.56 10.32 29.43
CA GLU A 118 7.63 9.31 28.94
C GLU A 118 7.12 9.69 27.55
N GLU A 119 6.49 8.71 26.90
CA GLU A 119 5.98 8.88 25.54
C GLU A 119 7.09 9.37 24.60
N THR A 120 8.19 8.62 24.59
CA THR A 120 9.36 9.00 23.83
C THR A 120 9.06 8.96 22.33
N ALA A 121 10.05 9.40 21.54
CA ALA A 121 9.88 9.47 20.11
C ALA A 121 9.83 8.08 19.48
N LEU A 122 9.04 7.96 18.41
CA LEU A 122 9.06 6.81 17.50
C LEU A 122 8.40 5.58 18.09
N GLU A 123 8.03 5.62 19.38
CA GLU A 123 7.28 4.50 19.93
C GLU A 123 5.78 4.67 19.66
N LEU A 124 5.29 5.91 19.66
CA LEU A 124 3.92 6.16 19.24
C LEU A 124 3.70 5.75 17.80
N VAL A 125 4.73 5.90 16.95
CA VAL A 125 4.62 5.44 15.57
C VAL A 125 4.43 3.93 15.52
N ARG A 126 5.16 3.19 16.37
CA ARG A 126 4.96 1.75 16.43
C ARG A 126 3.56 1.41 16.92
N ARG A 127 3.08 2.12 17.94
CA ARG A 127 1.73 1.86 18.45
C ARG A 127 0.67 2.12 17.37
N LEU A 128 0.89 3.14 16.55
CA LEU A 128 -0.07 3.45 15.49
C LEU A 128 0.01 2.45 14.34
N VAL A 129 1.23 2.02 13.98
CA VAL A 129 1.38 1.16 12.81
C VAL A 129 1.07 -0.30 13.12
N SER A 130 1.13 -0.72 14.38
CA SER A 130 0.86 -2.11 14.71
C SER A 130 -0.54 -2.59 14.31
N PRO A 131 -1.63 -1.87 14.62
CA PRO A 131 -2.96 -2.39 14.28
C PRO A 131 -3.21 -2.53 12.78
N LEU A 132 -2.44 -1.86 11.93
CA LEU A 132 -2.64 -1.92 10.50
C LEU A 132 -1.97 -3.12 9.85
N ALA A 133 -1.65 -4.16 10.62
CA ALA A 133 -0.97 -5.33 10.07
C ALA A 133 -1.81 -5.99 8.99
N GLY A 134 -3.14 -5.99 9.15
CA GLY A 134 -4.04 -6.54 8.15
C GLY A 134 -4.63 -5.48 7.25
N ALA A 135 -5.89 -5.12 7.49
CA ALA A 135 -6.55 -4.01 6.82
C ALA A 135 -6.67 -4.24 5.30
N LYS A 136 -7.52 -5.19 4.95
CA LYS A 136 -7.85 -5.41 3.54
C LYS A 136 -8.61 -4.23 2.94
N GLY A 137 -9.80 -3.93 3.44
CA GLY A 137 -10.68 -3.03 2.72
C GLY A 137 -10.23 -1.57 2.84
N THR A 138 -10.37 -0.84 1.73
CA THR A 138 -10.09 0.60 1.75
C THR A 138 -10.97 1.31 2.77
N ARG A 139 -12.27 1.01 2.73
CA ARG A 139 -13.18 1.51 3.76
C ARG A 139 -12.81 0.94 5.12
N GLU A 140 -12.43 -0.34 5.17
CA GLU A 140 -12.07 -0.94 6.45
C GLU A 140 -10.69 -0.46 6.91
N LEU A 141 -9.79 -0.18 5.97
CA LEU A 141 -8.52 0.45 6.33
C LEU A 141 -8.75 1.83 6.94
N LEU A 142 -9.63 2.62 6.34
CA LEU A 142 -9.96 3.92 6.91
C LEU A 142 -10.61 3.77 8.28
N GLN A 143 -11.45 2.75 8.44
CA GLN A 143 -12.05 2.48 9.74
C GLN A 143 -11.00 2.17 10.80
N THR A 144 -10.04 1.31 10.45
CA THR A 144 -8.97 0.96 11.39
C THR A 144 -8.11 2.18 11.72
N ALA A 145 -7.79 2.99 10.71
CA ALA A 145 -7.01 4.20 10.96
C ALA A 145 -7.76 5.16 11.88
N ALA A 146 -9.08 5.31 11.66
CA ALA A 146 -9.88 6.15 12.54
C ALA A 146 -9.89 5.60 13.96
N ASN A 147 -9.99 4.27 14.10
CA ASN A 147 -9.98 3.66 15.42
C ASN A 147 -8.67 3.97 16.15
N THR A 148 -7.54 3.78 15.48
CA THR A 148 -6.25 4.04 16.11
C THR A 148 -6.09 5.53 16.45
N VAL A 149 -6.51 6.41 15.53
CA VAL A 149 -6.39 7.85 15.79
C VAL A 149 -7.24 8.25 16.98
N ARG A 150 -8.47 7.74 17.06
CA ARG A 150 -9.32 8.04 18.20
C ARG A 150 -8.72 7.49 19.49
N ALA A 151 -8.14 6.29 19.43
CA ALA A 151 -7.53 5.70 20.61
C ALA A 151 -6.37 6.57 21.12
N LEU A 152 -5.56 7.10 20.21
CA LEU A 152 -4.42 7.89 20.65
C LEU A 152 -4.85 9.28 21.11
N THR A 153 -5.57 10.02 20.26
CA THR A 153 -5.83 11.43 20.53
C THR A 153 -6.88 11.63 21.61
N GLY A 154 -7.78 10.67 21.83
CA GLY A 154 -8.80 10.79 22.84
C GLY A 154 -9.98 11.65 22.47
N PHE A 155 -10.07 12.13 21.23
CA PHE A 155 -11.21 12.92 20.80
C PHE A 155 -12.46 12.05 20.72
N ASP A 156 -13.61 12.71 20.82
CA ASP A 156 -14.89 11.98 20.82
C ASP A 156 -15.13 11.26 19.50
N ARG A 157 -14.92 11.95 18.39
CA ARG A 157 -15.32 11.43 17.08
C ARG A 157 -14.18 11.59 16.08
N VAL A 158 -14.06 10.62 15.18
CA VAL A 158 -13.12 10.69 14.06
C VAL A 158 -13.87 10.35 12.79
N MET A 159 -13.80 11.23 11.79
CA MET A 159 -14.50 11.05 10.54
C MET A 159 -13.54 11.17 9.37
N VAL A 160 -13.79 10.41 8.32
CA VAL A 160 -12.94 10.34 7.14
C VAL A 160 -13.77 10.69 5.91
N TYR A 161 -13.28 11.64 5.11
CA TYR A 161 -13.97 12.12 3.93
C TYR A 161 -13.27 11.65 2.66
N ARG A 162 -14.04 11.54 1.59
CA ARG A 162 -13.56 11.34 0.23
C ARG A 162 -14.13 12.44 -0.65
N PHE A 163 -13.29 13.03 -1.50
CA PHE A 163 -13.71 14.11 -2.38
C PHE A 163 -13.98 13.56 -3.78
N ASP A 164 -15.14 13.92 -4.33
CA ASP A 164 -15.52 13.49 -5.67
C ASP A 164 -14.71 14.26 -6.71
N ALA A 165 -14.87 13.87 -7.98
CA ALA A 165 -14.13 14.51 -9.06
C ALA A 165 -14.43 16.00 -9.13
N ASP A 166 -15.70 16.38 -8.97
CA ASP A 166 -16.07 17.78 -8.91
C ASP A 166 -16.01 18.34 -7.49
N TRP A 167 -15.21 17.72 -6.62
CA TRP A 167 -14.95 18.13 -5.25
C TRP A 167 -16.14 18.00 -4.32
N HIS A 168 -17.17 17.27 -4.71
CA HIS A 168 -18.21 16.88 -3.75
C HIS A 168 -17.61 15.92 -2.73
N GLY A 169 -18.03 16.06 -1.48
CA GLY A 169 -17.46 15.30 -0.39
C GLY A 169 -18.46 14.33 0.22
N GLU A 170 -17.96 13.17 0.64
CA GLU A 170 -18.79 12.20 1.34
C GLU A 170 -17.97 11.57 2.45
N VAL A 171 -18.65 10.89 3.36
CA VAL A 171 -18.01 10.29 4.54
C VAL A 171 -17.94 8.78 4.34
N LEU A 172 -16.75 8.22 4.53
CA LEU A 172 -16.53 6.79 4.33
C LEU A 172 -16.43 6.01 5.64
N ALA A 173 -15.53 6.42 6.53
CA ALA A 173 -15.32 5.72 7.78
C ALA A 173 -15.65 6.63 8.96
N GLU A 174 -16.13 6.02 10.04
CA GLU A 174 -16.52 6.79 11.22
C GLU A 174 -16.25 5.96 12.47
N SER A 175 -15.37 6.47 13.32
CA SER A 175 -15.07 5.85 14.61
C SER A 175 -15.42 6.84 15.71
N LYS A 176 -16.24 6.40 16.66
CA LYS A 176 -16.74 7.32 17.68
C LYS A 176 -17.03 6.55 18.96
N ARG A 177 -17.07 7.31 20.06
CA ARG A 177 -17.61 6.80 21.31
C ARG A 177 -19.12 6.65 21.19
N GLU A 178 -19.70 5.81 22.04
CA GLU A 178 -21.14 5.61 22.01
C GLU A 178 -21.86 6.90 22.43
N GLY A 179 -23.05 7.10 21.85
CA GLY A 179 -23.91 8.19 22.28
C GLY A 179 -24.29 9.20 21.22
N MET A 180 -23.34 9.68 20.42
CA MET A 180 -23.68 10.70 19.44
C MET A 180 -24.18 10.08 18.14
N ASP A 181 -24.86 10.91 17.36
CA ASP A 181 -25.47 10.45 16.11
C ASP A 181 -24.41 10.06 15.09
N GLY A 182 -24.67 8.96 14.39
CA GLY A 182 -23.75 8.52 13.35
C GLY A 182 -23.82 9.43 12.14
N PHE A 183 -22.66 9.71 11.55
CA PHE A 183 -22.57 10.58 10.38
C PHE A 183 -22.11 9.83 9.14
N LEU A 184 -22.24 8.51 9.13
CA LEU A 184 -21.85 7.71 7.98
C LEU A 184 -22.80 7.97 6.81
N GLY A 185 -22.23 8.07 5.61
CA GLY A 185 -23.00 8.33 4.42
C GLY A 185 -23.29 9.79 4.16
N MET A 186 -22.65 10.70 4.89
CA MET A 186 -22.91 12.13 4.70
C MET A 186 -22.50 12.55 3.30
N HIS A 187 -23.25 13.50 2.73
CA HIS A 187 -22.88 14.13 1.47
C HIS A 187 -23.01 15.63 1.61
N PHE A 188 -21.95 16.35 1.27
CA PHE A 188 -21.95 17.80 1.32
C PHE A 188 -21.40 18.37 0.02
N PRO A 189 -21.85 19.57 -0.37
CA PRO A 189 -21.47 20.11 -1.67
C PRO A 189 -20.02 20.54 -1.70
N ALA A 190 -19.52 20.71 -2.94
CA ALA A 190 -18.15 21.18 -3.12
C ALA A 190 -17.96 22.60 -2.64
N THR A 191 -18.98 23.46 -2.80
CA THR A 191 -18.87 24.85 -2.38
C THR A 191 -18.81 25.01 -0.88
N ASP A 192 -19.07 23.95 -0.11
CA ASP A 192 -18.95 24.04 1.35
C ASP A 192 -17.51 24.32 1.76
N ILE A 193 -16.55 23.79 1.01
CA ILE A 193 -15.13 24.01 1.24
C ILE A 193 -14.61 24.89 0.12
N PRO A 194 -14.13 26.09 0.41
CA PRO A 194 -13.68 27.00 -0.66
C PRO A 194 -12.39 26.52 -1.30
N VAL A 195 -12.08 27.11 -2.46
CA VAL A 195 -10.90 26.73 -3.21
C VAL A 195 -9.64 27.03 -2.43
N GLN A 196 -9.59 28.21 -1.81
CA GLN A 196 -8.40 28.61 -1.05
C GLN A 196 -8.17 27.69 0.13
N ALA A 197 -9.25 27.22 0.77
CA ALA A 197 -9.10 26.26 1.85
C ALA A 197 -8.49 24.96 1.37
N ARG A 198 -8.95 24.48 0.20
CA ARG A 198 -8.37 23.27 -0.38
C ARG A 198 -6.88 23.47 -0.68
N ALA A 199 -6.53 24.62 -1.25
CA ALA A 199 -5.12 24.88 -1.53
C ALA A 199 -4.29 24.91 -0.25
N LEU A 200 -4.79 25.59 0.78
CA LEU A 200 -4.03 25.70 2.03
C LEU A 200 -3.87 24.33 2.68
N TYR A 201 -4.95 23.54 2.73
CA TYR A 201 -4.84 22.19 3.27
C TYR A 201 -3.90 21.33 2.45
N THR A 202 -3.81 21.58 1.14
CA THR A 202 -2.82 20.89 0.33
C THR A 202 -1.41 21.27 0.74
N ARG A 203 -1.18 22.55 1.03
CA ARG A 203 0.18 23.00 1.35
C ARG A 203 0.62 22.48 2.72
N ASN A 204 -0.22 22.62 3.75
CA ASN A 204 0.27 22.19 5.05
C ASN A 204 -0.45 20.93 5.53
N PRO A 205 0.28 20.00 6.14
CA PRO A 205 -0.33 18.70 6.49
C PRO A 205 -1.42 18.77 7.55
N LEU A 206 -1.11 19.37 8.69
CA LEU A 206 -1.97 19.33 9.87
C LEU A 206 -2.61 20.68 10.12
N ARG A 207 -3.84 20.67 10.63
CA ARG A 207 -4.49 21.90 11.07
C ARG A 207 -5.07 21.67 12.47
N LEU A 208 -4.77 22.58 13.40
CA LEU A 208 -5.23 22.45 14.77
C LEU A 208 -6.06 23.67 15.14
N ILE A 209 -7.30 23.44 15.55
CA ILE A 209 -8.17 24.47 16.09
C ILE A 209 -8.23 24.20 17.60
N ALA A 210 -7.50 25.01 18.37
CA ALA A 210 -7.33 24.72 19.79
C ALA A 210 -8.64 24.85 20.55
N ASN A 211 -9.37 25.94 20.33
CA ASN A 211 -10.60 26.18 21.09
C ASN A 211 -11.44 27.16 20.29
N ALA A 212 -12.73 26.85 20.17
CA ALA A 212 -13.64 27.73 19.43
C ALA A 212 -14.03 28.95 20.26
N ARG A 213 -14.14 28.81 21.58
CA ARG A 213 -14.54 29.93 22.43
C ARG A 213 -13.49 31.04 22.42
N ALA A 214 -12.24 30.70 22.12
CA ALA A 214 -11.15 31.66 22.25
C ALA A 214 -11.30 32.79 21.24
N ARG A 215 -11.29 34.02 21.73
CA ARG A 215 -11.33 35.18 20.87
C ARG A 215 -9.94 35.45 20.29
N PRO A 216 -9.81 35.55 18.97
CA PRO A 216 -8.49 35.78 18.39
C PRO A 216 -7.92 37.12 18.83
N VAL A 217 -6.61 37.12 19.10
CA VAL A 217 -5.88 38.32 19.48
C VAL A 217 -5.02 38.74 18.28
N PRO A 218 -5.29 39.88 17.67
CA PRO A 218 -4.57 40.25 16.45
C PRO A 218 -3.18 40.78 16.75
N LEU A 219 -2.27 40.51 15.81
CA LEU A 219 -1.00 41.21 15.80
C LEU A 219 -1.25 42.69 15.58
N VAL A 220 -0.36 43.53 16.11
CA VAL A 220 -0.72 44.94 16.25
C VAL A 220 0.21 45.85 15.46
N PRO A 221 0.56 45.51 14.21
CA PRO A 221 0.61 46.55 13.17
C PRO A 221 -0.71 46.53 12.41
N SER A 222 -1.27 47.70 12.08
CA SER A 222 -2.54 47.72 11.36
C SER A 222 -2.39 47.09 9.99
N VAL A 223 -1.43 47.56 9.21
CA VAL A 223 -1.07 46.99 7.91
C VAL A 223 0.44 47.09 7.78
N VAL A 224 1.07 46.04 7.25
CA VAL A 224 2.51 46.06 7.03
C VAL A 224 2.81 47.15 6.00
N PRO A 225 3.64 48.14 6.32
CA PRO A 225 3.86 49.26 5.40
C PRO A 225 4.56 48.84 4.11
N GLU A 226 5.65 48.10 4.23
CA GLU A 226 6.43 47.72 3.05
C GLU A 226 5.62 46.82 2.12
N LEU A 227 4.94 45.82 2.67
CA LEU A 227 4.17 44.90 1.85
C LEU A 227 2.84 45.51 1.40
N GLY A 228 2.22 46.32 2.23
CA GLY A 228 0.89 46.83 1.95
C GLY A 228 -0.23 45.86 2.26
N ARG A 229 0.09 44.69 2.80
CA ARG A 229 -0.87 43.65 3.14
C ARG A 229 -0.57 43.14 4.54
N PRO A 230 -1.56 42.55 5.22
CA PRO A 230 -1.26 41.84 6.46
C PRO A 230 -0.33 40.67 6.20
N LEU A 231 0.46 40.33 7.21
CA LEU A 231 1.44 39.26 7.07
C LEU A 231 0.75 37.93 6.78
N ASP A 232 1.25 37.22 5.78
CA ASP A 232 0.68 35.92 5.44
C ASP A 232 1.05 34.89 6.50
N LEU A 233 0.05 34.11 6.93
CA LEU A 233 0.22 33.11 7.97
C LEU A 233 0.02 31.69 7.44
N SER A 234 0.07 31.50 6.12
CA SER A 234 -0.26 30.21 5.54
C SER A 234 0.67 29.11 6.06
N GLY A 235 1.97 29.38 6.09
CA GLY A 235 2.90 28.42 6.67
C GLY A 235 2.73 28.27 8.16
N SER A 236 2.39 29.35 8.85
CA SER A 236 2.24 29.33 10.30
C SER A 236 1.05 28.47 10.70
N ALA A 237 1.14 27.86 11.88
CA ALA A 237 0.11 26.98 12.41
C ALA A 237 -0.80 27.66 13.42
N LEU A 238 -0.71 28.99 13.56
CA LEU A 238 -1.53 29.74 14.50
C LEU A 238 -2.56 30.60 13.80
N ARG A 239 -2.97 30.19 12.60
CA ARG A 239 -3.96 30.95 11.84
C ARG A 239 -5.30 30.98 12.57
N SER A 240 -5.92 32.14 12.59
CA SER A 240 -7.27 32.27 13.13
C SER A 240 -8.29 31.82 12.09
N VAL A 241 -9.31 31.11 12.55
CA VAL A 241 -10.34 30.60 11.64
C VAL A 241 -11.20 31.75 11.13
N SER A 242 -11.86 31.51 9.99
CA SER A 242 -12.83 32.46 9.51
C SER A 242 -14.04 32.49 10.45
N PRO A 243 -14.66 33.66 10.62
CA PRO A 243 -15.85 33.72 11.49
C PRO A 243 -16.97 32.80 11.04
N ILE A 244 -17.12 32.60 9.73
CA ILE A 244 -18.17 31.73 9.22
C ILE A 244 -17.93 30.29 9.68
N HIS A 245 -16.69 29.82 9.58
CA HIS A 245 -16.39 28.46 10.04
C HIS A 245 -16.46 28.36 11.55
N LEU A 246 -16.12 29.45 12.26
CA LEU A 246 -16.29 29.45 13.71
C LEU A 246 -17.74 29.26 14.09
N GLU A 247 -18.65 29.98 13.42
CA GLU A 247 -20.07 29.79 13.69
C GLU A 247 -20.54 28.42 13.24
N TYR A 248 -19.96 27.88 12.17
CA TYR A 248 -20.20 26.50 11.77
C TYR A 248 -19.95 25.54 12.93
N LEU A 249 -18.76 25.65 13.53
CA LEU A 249 -18.41 24.78 14.65
C LEU A 249 -19.31 25.03 15.86
N ARG A 250 -19.63 26.30 16.12
CA ARG A 250 -20.50 26.62 17.26
C ARG A 250 -21.88 25.98 17.10
N ASN A 251 -22.45 26.08 15.90
CA ASN A 251 -23.75 25.45 15.65
C ASN A 251 -23.64 23.93 15.73
N MET A 252 -22.56 23.36 15.20
CA MET A 252 -22.41 21.91 15.22
C MET A 252 -22.16 21.40 16.64
N GLY A 253 -21.41 22.15 17.44
CA GLY A 253 -21.13 21.78 18.81
C GLY A 253 -19.74 21.26 19.08
N VAL A 254 -18.85 21.28 18.09
CA VAL A 254 -17.46 20.86 18.26
C VAL A 254 -16.60 22.09 18.49
N GLU A 255 -15.75 22.04 19.51
CA GLU A 255 -14.95 23.19 19.91
C GLU A 255 -13.46 23.04 19.63
N ALA A 256 -12.91 21.84 19.75
CA ALA A 256 -11.51 21.58 19.47
C ALA A 256 -11.40 20.61 18.30
N SER A 257 -10.55 20.95 17.33
CA SER A 257 -10.45 20.18 16.10
C SER A 257 -9.00 19.88 15.77
N PHE A 258 -8.75 18.71 15.19
CA PHE A 258 -7.41 18.29 14.77
C PHE A 258 -7.57 17.58 13.44
N SER A 259 -7.31 18.27 12.34
CA SER A 259 -7.60 17.79 11.00
C SER A 259 -6.32 17.39 10.29
N LEU A 260 -6.36 16.19 9.70
CA LEU A 260 -5.26 15.63 8.92
C LEU A 260 -5.64 15.62 7.45
N SER A 261 -4.69 15.94 6.59
CA SER A 261 -4.95 16.10 5.15
C SER A 261 -4.34 14.92 4.40
N LEU A 262 -5.19 14.15 3.73
CA LEU A 262 -4.75 13.00 2.95
C LEU A 262 -4.53 13.42 1.50
N LEU A 263 -3.31 13.21 1.01
CA LEU A 263 -2.94 13.60 -0.34
C LEU A 263 -2.50 12.38 -1.14
N LYS A 264 -3.09 12.21 -2.31
CA LYS A 264 -2.71 11.16 -3.25
C LYS A 264 -2.00 11.83 -4.42
N ASP A 265 -0.68 11.68 -4.46
CA ASP A 265 0.16 12.23 -5.54
C ASP A 265 -0.14 13.71 -5.79
N GLY A 266 -0.30 14.46 -4.70
CA GLY A 266 -0.52 15.88 -4.78
C GLY A 266 -1.96 16.31 -4.91
N ALA A 267 -2.91 15.38 -4.94
CA ALA A 267 -4.33 15.72 -5.01
C ALA A 267 -4.98 15.43 -3.67
N LEU A 268 -5.73 16.40 -3.15
CA LEU A 268 -6.33 16.25 -1.83
C LEU A 268 -7.46 15.23 -1.92
N TRP A 269 -7.16 14.00 -1.52
CA TRP A 269 -8.12 12.91 -1.66
C TRP A 269 -9.24 13.00 -0.62
N GLY A 270 -8.89 13.35 0.61
CA GLY A 270 -9.86 13.41 1.68
C GLY A 270 -9.21 13.93 2.95
N LEU A 271 -10.04 14.04 3.99
CA LEU A 271 -9.63 14.63 5.26
C LEU A 271 -10.03 13.72 6.41
N ILE A 272 -9.20 13.67 7.44
CA ILE A 272 -9.57 13.06 8.72
C ILE A 272 -9.78 14.18 9.72
N ALA A 273 -10.97 14.20 10.35
CA ALA A 273 -11.38 15.29 11.21
C ALA A 273 -11.65 14.75 12.61
N CYS A 274 -10.70 14.98 13.53
CA CYS A 274 -10.91 14.62 14.92
C CYS A 274 -11.67 15.72 15.64
N HIS A 275 -12.81 15.37 16.22
CA HIS A 275 -13.73 16.32 16.82
C HIS A 275 -13.99 15.96 18.28
N HIS A 276 -13.96 16.97 19.14
CA HIS A 276 -14.27 16.79 20.55
C HIS A 276 -15.19 17.92 20.99
N LEU A 277 -16.01 17.64 22.01
CA LEU A 277 -16.98 18.63 22.46
C LEU A 277 -16.36 19.73 23.32
N ALA A 278 -15.30 19.43 24.05
CA ALA A 278 -14.65 20.35 24.96
C ALA A 278 -13.20 20.59 24.54
N PRO A 279 -12.62 21.73 24.91
CA PRO A 279 -11.23 21.98 24.52
C PRO A 279 -10.27 20.98 25.15
N LEU A 280 -9.49 20.32 24.31
CA LEU A 280 -8.48 19.37 24.76
C LEU A 280 -7.11 19.83 24.29
N HIS A 281 -6.08 19.22 24.87
CA HIS A 281 -4.70 19.50 24.51
C HIS A 281 -4.03 18.22 24.01
N LEU A 282 -3.09 18.38 23.09
CA LEU A 282 -2.34 17.27 22.53
C LEU A 282 -0.85 17.56 22.66
N SER A 283 -0.08 16.53 23.01
CA SER A 283 1.35 16.69 23.16
C SER A 283 2.01 16.92 21.80
N TYR A 284 3.19 17.55 21.83
CA TYR A 284 3.94 17.79 20.60
C TYR A 284 4.35 16.48 19.95
N GLU A 285 4.76 15.50 20.76
CA GLU A 285 5.20 14.22 20.22
C GLU A 285 4.07 13.52 19.46
N ARG A 286 2.85 13.55 20.02
CA ARG A 286 1.73 12.91 19.35
C ARG A 286 1.43 13.54 18.01
N ARG A 287 1.46 14.88 17.94
CA ARG A 287 1.22 15.56 16.66
C ARG A 287 2.33 15.25 15.65
N ARG A 288 3.59 15.23 16.12
CA ARG A 288 4.69 14.93 15.22
C ARG A 288 4.58 13.51 14.68
N ALA A 289 4.11 12.57 15.51
CA ALA A 289 3.88 11.22 15.02
C ALA A 289 2.68 11.17 14.08
N CYS A 290 1.64 11.97 14.35
CA CYS A 290 0.46 11.98 13.48
C CYS A 290 0.78 12.49 12.10
N GLU A 291 1.77 13.37 11.97
CA GLU A 291 2.21 13.80 10.64
C GLU A 291 2.71 12.60 9.81
N VAL A 292 3.56 11.78 10.43
CA VAL A 292 4.04 10.57 9.75
C VAL A 292 2.88 9.63 9.49
N LEU A 293 1.93 9.55 10.43
CA LEU A 293 0.75 8.70 10.23
C LEU A 293 -0.03 9.15 9.00
N THR A 294 -0.14 10.48 8.80
CA THR A 294 -0.76 11.01 7.60
C THR A 294 -0.03 10.57 6.35
N GLN A 295 1.31 10.63 6.39
CA GLN A 295 2.08 10.18 5.24
C GLN A 295 1.81 8.70 4.92
N LEU A 296 1.78 7.87 5.96
CA LEU A 296 1.46 6.45 5.78
C LEU A 296 0.08 6.24 5.17
N LEU A 297 -0.93 6.94 5.68
CA LEU A 297 -2.27 6.76 5.12
C LEU A 297 -2.32 7.21 3.66
N ALA A 298 -1.63 8.30 3.33
CA ALA A 298 -1.56 8.74 1.94
C ALA A 298 -1.00 7.64 1.05
N LEU A 299 0.15 7.08 1.44
CA LEU A 299 0.78 6.06 0.60
C LEU A 299 -0.11 4.82 0.47
N GLN A 300 -0.66 4.35 1.58
CA GLN A 300 -1.47 3.14 1.58
C GLN A 300 -2.71 3.32 0.73
N LEU A 301 -3.39 4.47 0.86
CA LEU A 301 -4.56 4.73 0.04
C LEU A 301 -4.20 4.81 -1.44
N SER A 302 -3.08 5.44 -1.76
CA SER A 302 -2.64 5.53 -3.15
C SER A 302 -2.45 4.15 -3.76
N SER A 303 -1.90 3.21 -2.99
CA SER A 303 -1.75 1.85 -3.51
C SER A 303 -3.10 1.12 -3.60
N GLU A 304 -3.92 1.23 -2.55
CA GLU A 304 -5.09 0.38 -2.46
C GLU A 304 -6.19 0.81 -3.42
N GLU A 305 -6.23 2.09 -3.79
CA GLU A 305 -7.21 2.51 -4.80
C GLU A 305 -6.95 1.81 -6.13
N ARG A 306 -5.68 1.76 -6.55
CA ARG A 306 -5.31 1.01 -7.74
C ARG A 306 -5.66 -0.47 -7.59
N ALA A 307 -5.37 -1.04 -6.41
CA ALA A 307 -5.72 -2.44 -6.18
C ALA A 307 -7.21 -2.69 -6.38
N ALA A 308 -8.05 -1.83 -5.79
CA ALA A 308 -9.49 -2.01 -5.89
C ALA A 308 -9.98 -1.84 -7.33
N GLU A 309 -9.43 -0.86 -8.06
CA GLU A 309 -9.84 -0.68 -9.44
C GLU A 309 -9.48 -1.88 -10.30
N ALA A 310 -8.28 -2.43 -10.10
CA ALA A 310 -7.89 -3.63 -10.85
C ALA A 310 -8.80 -4.81 -10.51
N ALA A 311 -9.13 -4.98 -9.23
CA ALA A 311 -10.03 -6.06 -8.85
C ALA A 311 -11.41 -5.89 -9.49
N GLU A 312 -11.90 -4.64 -9.55
CA GLU A 312 -13.20 -4.40 -10.17
C GLU A 312 -13.17 -4.72 -11.66
N ASP A 313 -12.09 -4.35 -12.34
CA ASP A 313 -11.98 -4.69 -13.76
C ASP A 313 -11.95 -6.20 -13.97
N SER A 314 -11.20 -6.92 -13.14
CA SER A 314 -11.15 -8.37 -13.26
C SER A 314 -12.53 -8.98 -13.02
N HIS A 315 -13.25 -8.50 -12.00
N HIS A 315 -13.25 -8.49 -12.01
CA HIS A 315 -14.58 -9.02 -11.72
CA HIS A 315 -14.58 -9.03 -11.72
C HIS A 315 -15.54 -8.70 -12.86
C HIS A 315 -15.54 -8.70 -12.86
N ARG A 316 -15.40 -7.53 -13.48
CA ARG A 316 -16.26 -7.19 -14.61
C ARG A 316 -16.03 -8.15 -15.77
N ALA A 317 -14.77 -8.48 -16.05
CA ALA A 317 -14.49 -9.47 -17.09
C ALA A 317 -15.05 -10.84 -16.74
N ALA A 318 -14.87 -11.26 -15.48
CA ALA A 318 -15.30 -12.60 -15.08
C ALA A 318 -16.82 -12.67 -14.95
N LEU A 319 -17.50 -11.52 -14.95
CA LEU A 319 -18.95 -11.51 -14.97
C LEU A 319 -19.47 -11.48 -16.41
N LEU A 320 -18.79 -10.74 -17.30
CA LEU A 320 -19.21 -10.72 -18.69
C LEU A 320 -18.99 -12.07 -19.36
N GLY A 321 -18.01 -12.84 -18.86
CA GLY A 321 -17.73 -14.15 -19.42
C GLY A 321 -18.86 -15.15 -19.41
N PRO A 322 -19.51 -15.39 -18.25
CA PRO A 322 -20.54 -16.44 -18.20
C PRO A 322 -21.77 -16.17 -19.07
N LEU A 323 -21.96 -14.93 -19.51
CA LEU A 323 -23.11 -14.62 -20.35
C LEU A 323 -23.10 -15.43 -21.64
N ALA A 324 -21.91 -15.78 -22.11
CA ALA A 324 -21.78 -16.63 -23.29
C ALA A 324 -22.21 -18.08 -23.02
N THR A 325 -22.33 -18.48 -21.75
CA THR A 325 -22.78 -19.83 -21.45
C THR A 325 -24.26 -20.00 -21.72
N SER A 326 -25.07 -19.04 -21.28
CA SER A 326 -26.51 -19.10 -21.49
C SER A 326 -26.86 -19.06 -22.97
N LEU A 327 -26.47 -17.98 -23.65
CA LEU A 327 -26.66 -17.90 -25.09
C LEU A 327 -25.69 -18.83 -25.80
N GLY A 328 -26.20 -19.93 -26.33
CA GLY A 328 -25.35 -20.97 -26.88
C GLY A 328 -25.68 -22.33 -26.31
N ALA A 329 -26.38 -22.33 -25.17
CA ALA A 329 -26.86 -23.56 -24.56
C ALA A 329 -28.12 -24.11 -25.24
N GLY A 330 -28.69 -23.37 -26.18
CA GLY A 330 -29.88 -23.81 -26.88
C GLY A 330 -31.06 -22.88 -26.72
N GLY A 331 -31.24 -22.35 -25.50
CA GLY A 331 -32.31 -21.42 -25.24
C GLY A 331 -32.20 -20.14 -26.03
N THR A 332 -33.34 -19.63 -26.52
CA THR A 332 -33.35 -18.40 -27.28
C THR A 332 -32.91 -17.22 -26.41
N LEU A 333 -32.27 -16.24 -27.04
CA LEU A 333 -31.63 -15.17 -26.29
C LEU A 333 -32.63 -14.30 -25.55
N GLU A 334 -33.80 -14.02 -26.16
CA GLU A 334 -34.78 -13.17 -25.49
C GLU A 334 -35.29 -13.82 -24.20
N GLU A 335 -35.44 -15.14 -24.19
CA GLU A 335 -35.75 -15.83 -22.94
C GLU A 335 -34.52 -15.94 -22.06
N ALA A 336 -33.33 -15.99 -22.67
CA ALA A 336 -32.10 -16.14 -21.90
C ALA A 336 -31.85 -14.94 -21.00
N LEU A 337 -32.09 -13.73 -21.51
CA LEU A 337 -31.90 -12.52 -20.69
C LEU A 337 -32.86 -12.52 -19.51
N ALA A 338 -34.10 -12.97 -19.72
CA ALA A 338 -35.03 -13.12 -18.60
C ALA A 338 -34.51 -14.16 -17.60
N LYS A 339 -33.94 -15.25 -18.11
CA LYS A 339 -33.38 -16.28 -17.23
C LYS A 339 -32.20 -15.74 -16.43
N ASP A 340 -31.34 -14.95 -17.07
CA ASP A 340 -30.12 -14.48 -16.42
C ASP A 340 -30.12 -12.96 -16.30
N GLY A 341 -31.22 -12.41 -15.80
CA GLY A 341 -31.35 -10.95 -15.73
C GLY A 341 -30.31 -10.28 -14.87
N ALA A 342 -29.93 -10.90 -13.76
CA ALA A 342 -29.03 -10.25 -12.81
C ALA A 342 -27.64 -10.05 -13.39
N ARG A 343 -27.08 -11.08 -14.02
CA ARG A 343 -25.71 -10.99 -14.52
C ARG A 343 -25.60 -9.97 -15.65
N VAL A 344 -26.52 -10.03 -16.62
CA VAL A 344 -26.50 -9.05 -17.70
C VAL A 344 -26.85 -7.66 -17.18
N LEU A 345 -27.64 -7.60 -16.10
CA LEU A 345 -28.10 -6.31 -15.59
C LEU A 345 -26.98 -5.58 -14.85
N GLU A 346 -26.13 -6.32 -14.13
CA GLU A 346 -25.03 -5.71 -13.38
C GLU A 346 -23.71 -5.76 -14.13
N LEU A 347 -23.73 -5.72 -15.47
CA LEU A 347 -22.49 -5.57 -16.21
C LEU A 347 -21.97 -4.15 -16.19
N THR A 348 -22.80 -3.16 -15.85
CA THR A 348 -22.39 -1.76 -15.84
C THR A 348 -22.73 -1.03 -14.55
N GLY A 349 -23.25 -1.72 -13.53
CA GLY A 349 -23.72 -1.03 -12.35
C GLY A 349 -24.92 -0.15 -12.60
N ALA A 350 -25.81 -0.57 -13.49
CA ALA A 350 -27.03 0.15 -13.81
C ALA A 350 -28.23 -0.71 -13.41
N THR A 351 -29.40 -0.07 -13.33
CA THR A 351 -30.60 -0.76 -12.88
C THR A 351 -31.55 -1.14 -14.00
N GLY A 352 -31.40 -0.57 -15.20
CA GLY A 352 -32.32 -0.89 -16.27
C GLY A 352 -31.65 -1.17 -17.60
N ALA A 353 -32.14 -2.16 -18.35
CA ALA A 353 -31.61 -2.49 -19.66
C ALA A 353 -32.75 -2.59 -20.66
N ALA A 354 -32.51 -2.11 -21.87
CA ALA A 354 -33.48 -2.24 -22.95
C ALA A 354 -32.73 -2.60 -24.22
N LEU A 355 -33.26 -3.57 -24.96
CA LEU A 355 -32.55 -4.09 -26.12
C LEU A 355 -33.42 -4.03 -27.36
N LEU A 356 -32.82 -3.51 -28.43
CA LEU A 356 -33.34 -3.57 -29.79
C LEU A 356 -32.50 -4.59 -30.57
N LEU A 357 -33.16 -5.60 -31.13
CA LEU A 357 -32.43 -6.65 -31.84
C LEU A 357 -33.11 -7.08 -33.14
N GLY A 358 -34.16 -6.37 -33.57
CA GLY A 358 -34.88 -6.76 -34.76
C GLY A 358 -36.36 -6.96 -34.49
N GLY A 359 -36.67 -7.56 -33.34
CA GLY A 359 -38.04 -7.68 -32.89
C GLY A 359 -38.46 -6.47 -32.09
N GLU A 360 -39.56 -6.63 -31.36
CA GLU A 360 -40.02 -5.57 -30.49
C GLU A 360 -39.01 -5.36 -29.35
N PRO A 361 -38.79 -4.12 -28.92
CA PRO A 361 -37.80 -3.85 -27.87
C PRO A 361 -38.14 -4.61 -26.59
N LEU A 362 -37.11 -5.12 -25.93
CA LEU A 362 -37.28 -5.87 -24.70
C LEU A 362 -36.72 -5.08 -23.52
N LEU A 363 -37.37 -5.24 -22.36
CA LEU A 363 -37.08 -4.47 -21.16
C LEU A 363 -36.70 -5.42 -20.04
N VAL A 364 -35.59 -5.15 -19.37
CA VAL A 364 -35.14 -5.90 -18.20
C VAL A 364 -34.91 -4.91 -17.07
N GLY A 365 -35.52 -5.18 -15.92
CA GLY A 365 -35.41 -4.24 -14.82
C GLY A 365 -36.28 -3.01 -15.04
N ARG A 366 -36.01 -1.99 -14.24
CA ARG A 366 -36.77 -0.75 -14.30
C ARG A 366 -36.31 0.06 -15.51
N THR A 367 -37.15 0.14 -16.53
CA THR A 367 -36.86 0.78 -17.80
C THR A 367 -37.98 1.74 -18.16
N PRO A 368 -37.71 2.71 -19.03
CA PRO A 368 -38.77 3.62 -19.49
C PRO A 368 -39.81 2.88 -20.30
N SER A 369 -40.92 3.59 -20.56
CA SER A 369 -42.07 2.99 -21.21
C SER A 369 -41.81 2.76 -22.70
N MET A 370 -42.71 1.99 -23.31
CA MET A 370 -42.56 1.59 -24.72
C MET A 370 -42.43 2.79 -25.63
N ASP A 371 -43.37 3.75 -25.53
CA ASP A 371 -43.30 4.94 -26.36
C ASP A 371 -42.02 5.71 -26.10
N GLU A 372 -41.60 5.79 -24.83
CA GLU A 372 -40.38 6.53 -24.51
C GLU A 372 -39.15 5.88 -25.13
N VAL A 373 -39.02 4.56 -25.04
CA VAL A 373 -37.82 3.90 -25.56
C VAL A 373 -37.81 3.96 -27.09
N GLU A 374 -38.97 3.79 -27.72
CA GLU A 374 -38.99 3.88 -29.18
C GLU A 374 -38.68 5.30 -29.65
N ALA A 375 -39.17 6.31 -28.93
CA ALA A 375 -38.83 7.69 -29.26
C ALA A 375 -37.34 7.94 -29.07
N LEU A 376 -36.75 7.38 -28.02
CA LEU A 376 -35.32 7.51 -27.81
C LEU A 376 -34.53 6.86 -28.93
N ALA A 377 -34.97 5.68 -29.39
CA ALA A 377 -34.31 5.02 -30.50
C ALA A 377 -34.40 5.85 -31.77
N ALA A 378 -35.57 6.45 -32.01
CA ALA A 378 -35.70 7.34 -33.16
C ALA A 378 -34.80 8.56 -33.05
N TRP A 379 -34.70 9.12 -31.84
CA TRP A 379 -33.92 10.34 -31.63
C TRP A 379 -32.42 10.09 -31.71
N LEU A 380 -31.96 8.89 -31.34
CA LEU A 380 -30.53 8.64 -31.26
C LEU A 380 -29.88 8.50 -32.63
N ALA A 381 -30.65 8.17 -33.66
CA ALA A 381 -30.07 7.87 -34.98
C ALA A 381 -29.31 9.06 -35.59
N PRO A 382 -29.86 10.28 -35.63
CA PRO A 382 -29.14 11.36 -36.34
C PRO A 382 -27.76 11.67 -35.80
N GLN A 383 -27.53 11.57 -34.50
CA GLN A 383 -26.22 11.87 -33.94
C GLN A 383 -25.22 10.80 -34.37
N PRO A 384 -24.09 11.18 -34.96
CA PRO A 384 -23.11 10.18 -35.43
C PRO A 384 -22.28 9.65 -34.26
N PHE A 385 -22.56 8.42 -33.87
CA PHE A 385 -21.81 7.73 -32.82
C PHE A 385 -20.93 6.68 -33.50
N GLN A 386 -19.62 6.89 -33.45
CA GLN A 386 -18.70 5.98 -34.11
C GLN A 386 -18.82 4.56 -33.54
N THR A 387 -18.69 4.44 -32.22
CA THR A 387 -18.85 3.16 -31.55
C THR A 387 -19.94 3.18 -30.49
N SER A 388 -19.94 4.18 -29.61
CA SER A 388 -20.86 4.21 -28.48
C SER A 388 -21.21 5.66 -28.16
N PHE A 389 -21.99 5.83 -27.08
CA PHE A 389 -22.37 7.15 -26.61
C PHE A 389 -22.38 7.15 -25.09
N HIS A 390 -21.76 8.18 -24.50
CA HIS A 390 -21.73 8.37 -23.05
C HIS A 390 -22.38 9.70 -22.71
N THR A 391 -23.35 9.67 -21.81
CA THR A 391 -24.00 10.90 -21.35
C THR A 391 -24.23 10.82 -19.85
N GLU A 392 -24.13 11.98 -19.20
CA GLU A 392 -24.33 12.09 -17.75
C GLU A 392 -25.74 12.57 -17.42
N ARG A 393 -26.24 13.56 -18.16
CA ARG A 393 -27.57 14.11 -17.94
C ARG A 393 -28.36 14.02 -19.23
N LEU A 394 -29.64 13.67 -19.12
CA LEU A 394 -30.47 13.46 -20.29
C LEU A 394 -31.43 14.60 -20.56
N GLY A 395 -31.76 15.39 -19.54
CA GLY A 395 -32.68 16.49 -19.74
C GLY A 395 -32.16 17.53 -20.72
N SER A 396 -30.88 17.88 -20.61
CA SER A 396 -30.30 18.85 -21.52
C SER A 396 -30.26 18.31 -22.95
N LEU A 397 -29.83 17.07 -23.13
CA LEU A 397 -29.70 16.51 -24.48
C LEU A 397 -31.07 16.19 -25.07
N TYR A 398 -31.94 15.55 -24.30
CA TYR A 398 -33.24 15.10 -24.80
C TYR A 398 -34.36 15.77 -24.02
N PRO A 399 -34.99 16.80 -24.57
CA PRO A 399 -36.06 17.51 -23.85
C PRO A 399 -37.23 16.62 -23.47
N PRO A 400 -37.73 15.73 -24.35
CA PRO A 400 -38.97 15.01 -24.01
C PRO A 400 -38.88 14.17 -22.74
N LEU A 401 -37.73 13.57 -22.45
CA LEU A 401 -37.57 12.80 -21.23
C LEU A 401 -37.03 13.60 -20.06
N ALA A 402 -36.89 14.93 -20.21
CA ALA A 402 -36.47 15.74 -19.08
C ALA A 402 -37.47 15.65 -17.93
N ALA A 403 -38.76 15.55 -18.26
CA ALA A 403 -39.77 15.36 -17.22
C ALA A 403 -39.57 14.04 -16.49
N ARG A 404 -39.25 12.98 -17.23
CA ARG A 404 -39.03 11.68 -16.61
C ARG A 404 -37.69 11.68 -15.88
N ALA A 405 -37.72 11.28 -14.61
CA ALA A 405 -36.52 11.29 -13.77
C ALA A 405 -36.14 9.92 -13.25
N ASP A 406 -37.12 9.13 -12.78
CA ASP A 406 -36.80 7.88 -12.10
C ASP A 406 -36.30 6.80 -13.05
N VAL A 407 -36.60 6.90 -14.35
CA VAL A 407 -36.13 5.90 -15.31
C VAL A 407 -35.48 6.59 -16.51
N ALA A 408 -35.08 7.86 -16.33
CA ALA A 408 -34.47 8.59 -17.44
C ALA A 408 -33.29 9.46 -17.01
N ALA A 409 -32.76 9.27 -15.80
CA ALA A 409 -31.65 10.11 -15.34
C ALA A 409 -30.36 9.79 -16.08
N GLY A 410 -30.07 8.51 -16.29
CA GLY A 410 -28.83 8.12 -16.92
C GLY A 410 -29.07 7.31 -18.18
N LEU A 411 -28.12 7.39 -19.10
CA LEU A 411 -28.20 6.67 -20.36
C LEU A 411 -26.81 6.26 -20.83
N LEU A 412 -26.71 5.03 -21.33
CA LEU A 412 -25.49 4.57 -21.99
C LEU A 412 -25.94 3.70 -23.16
N ALA A 413 -25.42 3.98 -24.35
CA ALA A 413 -25.91 3.35 -25.57
C ALA A 413 -24.76 2.87 -26.44
N VAL A 414 -24.94 1.71 -27.04
CA VAL A 414 -24.02 1.15 -28.02
C VAL A 414 -24.85 0.60 -29.18
N ARG A 415 -24.39 0.83 -30.41
CA ARG A 415 -25.07 0.32 -31.59
C ARG A 415 -24.47 -1.04 -31.96
N LEU A 416 -25.28 -2.09 -31.82
CA LEU A 416 -24.79 -3.44 -32.11
C LEU A 416 -24.44 -3.61 -33.57
N ALA A 417 -25.28 -3.11 -34.48
CA ALA A 417 -24.96 -3.28 -35.89
C ALA A 417 -24.42 -1.97 -36.47
N PRO A 418 -23.38 -2.07 -37.31
CA PRO A 418 -22.82 -0.84 -37.90
C PRO A 418 -23.82 -0.06 -38.73
N ALA A 419 -24.69 -0.75 -39.47
CA ALA A 419 -25.66 -0.09 -40.34
C ALA A 419 -27.06 -0.06 -39.71
N SER A 420 -27.61 -1.22 -39.37
CA SER A 420 -28.94 -1.28 -38.79
C SER A 420 -28.94 -0.69 -37.39
N SER A 421 -30.05 -0.06 -37.03
CA SER A 421 -30.17 0.60 -35.73
C SER A 421 -30.53 -0.44 -34.67
N ARG A 422 -29.51 -1.04 -34.06
CA ARG A 422 -29.69 -1.94 -32.92
C ARG A 422 -29.24 -1.18 -31.68
N LEU A 423 -30.19 -0.84 -30.82
CA LEU A 423 -29.95 0.03 -29.68
C LEU A 423 -29.97 -0.76 -28.39
N ALA A 424 -28.96 -0.52 -27.54
CA ALA A 424 -28.86 -1.14 -26.23
C ALA A 424 -28.85 -0.03 -25.17
N LEU A 425 -30.04 0.33 -24.70
CA LEU A 425 -30.18 1.35 -23.67
C LEU A 425 -29.78 0.77 -22.33
N TRP A 426 -28.95 1.49 -21.59
CA TRP A 426 -28.59 1.15 -20.22
C TRP A 426 -28.89 2.36 -19.34
N PHE A 427 -29.87 2.23 -18.47
CA PHE A 427 -30.26 3.29 -17.56
C PHE A 427 -29.71 3.03 -16.17
N ARG A 428 -29.02 4.02 -15.63
CA ARG A 428 -28.51 4.01 -14.27
C ARG A 428 -29.28 5.05 -13.45
N PRO A 429 -29.72 4.72 -12.24
CA PRO A 429 -30.60 5.63 -11.50
C PRO A 429 -29.92 6.91 -11.09
N GLU A 430 -30.74 7.89 -10.76
CA GLU A 430 -30.25 9.21 -10.38
C GLU A 430 -29.44 9.15 -9.08
N ALA A 431 -28.36 9.90 -9.02
CA ALA A 431 -27.56 10.00 -7.81
C ALA A 431 -28.33 10.78 -6.76
N VAL A 432 -28.96 10.05 -5.84
CA VAL A 432 -29.96 10.51 -4.86
C VAL A 432 -30.93 9.35 -4.69
N ARG A 433 -30.94 8.44 -5.67
CA ARG A 433 -31.75 7.24 -5.65
C ARG A 433 -30.89 5.99 -5.44
N THR A 434 -29.76 5.90 -6.15
CA THR A 434 -28.87 4.75 -5.98
C THR A 434 -28.17 4.78 -4.63
N ILE A 435 -27.89 5.97 -4.10
CA ILE A 435 -27.27 6.08 -2.79
C ILE A 435 -28.34 5.88 -1.72
N SER A 436 -28.04 5.02 -0.75
CA SER A 436 -29.01 4.68 0.29
C SER A 436 -29.41 5.92 1.07
N TRP A 437 -30.72 6.09 1.27
CA TRP A 437 -31.21 7.18 2.11
C TRP A 437 -30.85 6.97 3.58
N ALA A 438 -30.40 5.79 3.96
CA ALA A 438 -29.84 5.62 5.30
C ALA A 438 -28.60 6.47 5.49
N GLY A 439 -27.97 6.92 4.41
CA GLY A 439 -26.81 7.79 4.50
C GLY A 439 -27.13 9.22 4.84
N ASN A 440 -28.41 9.60 4.83
CA ASN A 440 -28.77 10.95 5.21
C ASN A 440 -28.60 11.13 6.73
N PRO A 441 -28.45 12.38 7.19
CA PRO A 441 -28.24 12.58 8.63
C PRO A 441 -29.46 12.22 9.48
N ARG A 442 -30.66 12.65 9.07
CA ARG A 442 -31.89 12.52 9.84
C ARG A 442 -31.66 12.86 11.31
N LYS A 443 -32.38 12.21 12.21
CA LYS A 443 -32.25 12.43 13.65
C LYS A 443 -32.38 13.92 13.96
N PRO A 444 -33.59 14.47 13.92
CA PRO A 444 -33.76 15.92 14.12
C PRO A 444 -33.63 16.29 15.58
N ALA A 445 -32.62 17.12 15.88
CA ALA A 445 -32.43 17.61 17.24
C ALA A 445 -33.49 18.66 17.57
N GLU A 446 -33.85 18.72 18.85
CA GLU A 446 -34.89 19.66 19.28
C GLU A 446 -34.54 21.13 19.06
N PRO A 447 -33.31 21.63 19.31
CA PRO A 447 -33.08 23.07 19.12
C PRO A 447 -33.12 23.45 17.65
N GLU A 448 -33.47 24.71 17.39
CA GLU A 448 -33.56 25.21 16.03
C GLU A 448 -32.37 26.10 15.73
N PRO A 449 -31.41 25.64 14.93
CA PRO A 449 -30.28 26.50 14.56
C PRO A 449 -30.60 27.41 13.38
N GLY A 450 -29.58 28.10 12.85
CA GLY A 450 -29.79 28.98 11.72
C GLY A 450 -30.34 28.28 10.49
N HIS A 451 -30.08 26.98 10.34
CA HIS A 451 -30.64 26.10 9.32
C HIS A 451 -30.11 26.42 7.91
N ALA A 452 -29.29 27.45 7.75
CA ALA A 452 -28.74 27.81 6.46
C ALA A 452 -27.28 27.41 6.31
N ARG A 453 -26.48 27.60 7.36
CA ARG A 453 -25.05 27.30 7.29
C ARG A 453 -24.71 25.90 7.78
N LEU A 454 -25.07 25.57 9.02
CA LEU A 454 -24.59 24.36 9.67
C LEU A 454 -25.06 23.10 8.94
N HIS A 455 -24.20 22.07 9.00
CA HIS A 455 -24.50 20.77 8.42
C HIS A 455 -25.72 20.10 9.06
N PRO A 456 -25.85 20.05 10.38
CA PRO A 456 -27.01 19.37 10.97
C PRO A 456 -28.31 19.94 10.45
N ARG A 457 -29.17 19.05 9.95
CA ARG A 457 -30.47 19.40 9.37
C ARG A 457 -30.31 20.30 8.16
N GLY A 458 -29.94 21.56 8.37
CA GLY A 458 -29.86 22.53 7.30
C GLY A 458 -28.69 22.34 6.35
N SER A 459 -28.57 21.15 5.78
CA SER A 459 -27.59 20.87 4.74
C SER A 459 -28.07 19.67 3.94
N PHE A 460 -27.20 19.14 3.09
CA PHE A 460 -27.49 17.99 2.24
C PHE A 460 -28.50 18.36 1.15
N GLN A 461 -28.98 19.61 1.18
CA GLN A 461 -29.85 20.07 0.11
C GLN A 461 -29.04 20.47 -1.12
N ALA A 462 -27.97 21.22 -0.91
CA ALA A 462 -27.13 21.67 -2.04
C ALA A 462 -26.65 20.48 -2.85
N TRP A 463 -26.35 19.36 -2.19
CA TRP A 463 -26.04 18.13 -2.92
C TRP A 463 -27.21 17.70 -3.79
N GLU A 464 -28.41 17.69 -3.23
CA GLU A 464 -29.54 17.09 -3.95
C GLU A 464 -30.02 17.96 -5.11
N GLU A 465 -29.84 19.29 -5.02
CA GLU A 465 -30.18 20.12 -6.17
C GLU A 465 -29.01 20.34 -7.12
N THR A 466 -27.77 20.13 -6.67
CA THR A 466 -26.65 20.23 -7.59
C THR A 466 -26.55 19.02 -8.50
N VAL A 467 -26.84 17.83 -7.96
CA VAL A 467 -26.75 16.59 -8.73
C VAL A 467 -28.11 16.13 -9.23
N ARG A 468 -29.14 16.98 -9.11
CA ARG A 468 -30.45 16.62 -9.63
C ARG A 468 -30.39 16.46 -11.15
N GLU A 469 -31.18 15.50 -11.65
CA GLU A 469 -31.17 15.13 -13.07
C GLU A 469 -29.79 14.67 -13.52
N THR A 470 -29.03 14.07 -12.62
CA THR A 470 -27.69 13.58 -12.92
C THR A 470 -27.47 12.23 -12.24
N SER A 471 -26.83 11.33 -12.97
CA SER A 471 -26.51 9.99 -12.50
C SER A 471 -25.03 9.86 -12.19
N PRO A 472 -24.64 8.87 -11.39
CA PRO A 472 -23.20 8.67 -11.13
C PRO A 472 -22.43 8.41 -12.42
N ALA A 473 -21.20 8.91 -12.44
CA ALA A 473 -20.41 8.90 -13.67
C ALA A 473 -20.06 7.48 -14.08
N TRP A 474 -19.91 7.29 -15.39
CA TRP A 474 -19.51 6.01 -15.96
C TRP A 474 -17.99 5.89 -15.84
N LYS A 475 -17.53 4.99 -14.97
CA LYS A 475 -16.10 4.82 -14.75
C LYS A 475 -15.45 4.21 -16.00
N ARG A 476 -14.11 4.19 -15.98
CA ARG A 476 -13.38 3.56 -17.07
C ARG A 476 -13.75 2.08 -17.20
N ALA A 477 -13.89 1.40 -16.06
CA ALA A 477 -14.41 0.02 -16.09
C ALA A 477 -15.82 -0.03 -16.67
N ASP A 478 -16.66 0.96 -16.34
CA ASP A 478 -18.03 0.97 -16.86
C ASP A 478 -18.06 1.08 -18.37
N LEU A 479 -17.27 1.99 -18.94
CA LEU A 479 -17.23 2.12 -20.40
C LEU A 479 -16.52 0.95 -21.06
N ALA A 480 -15.52 0.36 -20.38
CA ALA A 480 -14.90 -0.84 -20.91
C ALA A 480 -15.90 -1.99 -21.00
N ALA A 481 -16.72 -2.17 -19.97
CA ALA A 481 -17.78 -3.17 -20.02
C ALA A 481 -18.84 -2.81 -21.05
N ALA A 482 -19.12 -1.52 -21.22
CA ALA A 482 -20.05 -1.10 -22.25
C ALA A 482 -19.57 -1.51 -23.63
N GLU A 483 -18.29 -1.29 -23.92
CA GLU A 483 -17.72 -1.75 -25.18
C GLU A 483 -17.72 -3.26 -25.26
N GLY A 484 -17.38 -3.94 -24.16
CA GLY A 484 -17.37 -5.38 -24.17
C GLY A 484 -18.72 -5.99 -24.52
N PHE A 485 -19.79 -5.38 -24.01
CA PHE A 485 -21.13 -5.86 -24.37
C PHE A 485 -21.60 -5.33 -25.72
N ARG A 486 -21.08 -4.18 -26.15
CA ARG A 486 -21.27 -3.79 -27.55
C ARG A 486 -20.76 -4.90 -28.44
N SER A 487 -19.69 -5.57 -28.02
CA SER A 487 -19.40 -6.90 -28.55
C SER A 487 -20.31 -7.94 -27.89
N ALA A 488 -20.21 -8.07 -26.56
CA ALA A 488 -20.82 -9.18 -25.83
C ALA A 488 -20.36 -10.50 -26.44
N LEU A 489 -19.06 -10.58 -26.73
CA LEU A 489 -18.49 -11.62 -27.58
C LEU A 489 -19.22 -11.65 -28.92
N ILE A 490 -19.11 -10.53 -29.65
CA ILE A 490 -19.96 -10.20 -30.79
C ILE A 490 -20.10 -11.38 -31.73
N GLY A 491 -19.13 -12.30 -31.67
CA GLY A 491 -19.27 -13.56 -32.38
C GLY A 491 -20.56 -14.28 -32.03
N VAL A 492 -20.85 -14.42 -30.72
CA VAL A 492 -22.00 -15.23 -30.35
C VAL A 492 -23.29 -14.61 -30.86
N VAL A 493 -23.46 -13.29 -30.68
CA VAL A 493 -24.71 -12.64 -31.07
C VAL A 493 -24.87 -12.64 -32.58
N LEU A 494 -23.85 -12.17 -33.30
CA LEU A 494 -23.96 -12.08 -34.76
C LEU A 494 -24.13 -13.47 -35.36
N ARG A 495 -23.40 -14.46 -34.86
CA ARG A 495 -23.46 -15.79 -35.41
C ARG A 495 -24.74 -16.52 -35.02
N GLN A 496 -25.34 -16.22 -33.86
CA GLN A 496 -26.63 -16.83 -33.57
C GLN A 496 -27.71 -16.23 -34.47
N ALA A 497 -27.63 -14.92 -34.74
CA ALA A 497 -28.57 -14.33 -35.69
C ALA A 497 -28.40 -14.95 -37.07
N ALA A 498 -27.16 -15.05 -37.55
CA ALA A 498 -26.90 -15.60 -38.87
C ALA A 498 -27.29 -17.08 -38.93
N GLU A 499 -26.99 -17.84 -37.88
CA GLU A 499 -27.30 -19.26 -37.85
C GLU A 499 -28.80 -19.49 -37.84
N LEU A 500 -29.55 -18.70 -37.05
CA LEU A 500 -31.00 -18.82 -37.08
C LEU A 500 -31.55 -18.48 -38.46
N GLU A 501 -31.04 -17.42 -39.09
CA GLU A 501 -31.53 -17.06 -40.41
C GLU A 501 -31.21 -18.14 -41.45
N ARG A 502 -30.01 -18.71 -41.39
CA ARG A 502 -29.59 -19.70 -42.38
C ARG A 502 -30.15 -21.08 -42.12
N LEU A 503 -30.60 -21.37 -40.90
CA LEU A 503 -31.45 -22.54 -40.69
C LEU A 503 -32.87 -22.29 -41.14
N SER A 504 -33.37 -21.06 -40.95
CA SER A 504 -34.72 -20.73 -41.40
C SER A 504 -34.83 -20.79 -42.92
N GLU A 505 -33.79 -20.36 -43.64
CA GLU A 505 -33.85 -20.44 -45.10
C GLU A 505 -33.89 -21.89 -45.57
N ALA A 506 -33.10 -22.77 -44.95
CA ALA A 506 -33.13 -24.17 -45.31
C ALA A 506 -34.48 -24.80 -44.96
N LEU A 507 -35.04 -24.43 -43.81
CA LEU A 507 -36.36 -24.95 -43.42
C LEU A 507 -37.43 -24.48 -44.39
N SER A 508 -37.37 -23.21 -44.81
CA SER A 508 -38.34 -22.68 -45.77
C SER A 508 -38.20 -23.36 -47.12
N ARG A 509 -36.97 -23.66 -47.54
CA ARG A 509 -36.78 -24.46 -48.75
C ARG A 509 -37.39 -25.85 -48.57
N SER A 510 -37.25 -26.43 -47.38
CA SER A 510 -37.91 -27.70 -47.10
C SER A 510 -39.41 -27.52 -46.91
N ASN A 511 -39.85 -26.31 -46.58
CA ASN A 511 -41.27 -26.03 -46.43
C ASN A 511 -42.00 -26.13 -47.77
N GLU B 9 34.15 -25.39 8.68
CA GLU B 9 34.00 -26.45 7.69
C GLU B 9 34.10 -27.83 8.34
N LEU B 10 33.10 -28.18 9.16
CA LEU B 10 33.07 -29.47 9.83
C LEU B 10 31.66 -29.77 10.31
N SER B 11 31.27 -31.04 10.18
CA SER B 11 30.01 -31.56 10.72
C SER B 11 28.80 -30.77 10.21
N GLN B 12 28.86 -30.36 8.94
CA GLN B 12 27.79 -29.62 8.29
C GLN B 12 27.38 -28.39 9.09
N CYS B 13 26.15 -27.90 8.87
CA CYS B 13 25.73 -26.67 9.52
C CYS B 13 24.33 -26.75 10.13
N ASP B 14 23.49 -27.67 9.61
CA ASP B 14 22.09 -27.69 10.03
C ASP B 14 21.93 -28.09 11.49
N ARG B 15 22.74 -29.02 11.97
CA ARG B 15 22.63 -29.47 13.36
C ARG B 15 23.12 -28.42 14.35
N GLU B 16 23.83 -27.40 13.89
CA GLU B 16 24.43 -26.43 14.79
C GLU B 16 23.36 -25.55 15.42
N PRO B 17 23.29 -25.46 16.75
CA PRO B 17 22.28 -24.62 17.41
C PRO B 17 22.73 -23.17 17.48
N ILE B 18 22.05 -22.30 16.73
CA ILE B 18 22.35 -20.88 16.77
C ILE B 18 21.82 -20.26 18.06
N HIS B 19 20.64 -20.69 18.51
CA HIS B 19 19.97 -20.07 19.64
C HIS B 19 20.80 -20.19 20.92
N LEU B 20 21.41 -21.34 21.15
CA LEU B 20 22.00 -21.69 22.44
C LEU B 20 23.51 -21.46 22.47
N LEU B 21 24.08 -20.90 21.39
CA LEU B 21 25.52 -20.75 21.31
C LEU B 21 26.07 -19.88 22.44
N GLY B 22 25.38 -18.79 22.77
CA GLY B 22 25.76 -17.96 23.89
C GLY B 22 27.11 -17.27 23.75
N GLY B 23 27.35 -16.66 22.59
CA GLY B 23 28.59 -15.95 22.33
C GLY B 23 28.42 -14.46 22.45
N ILE B 24 29.50 -13.76 22.78
CA ILE B 24 29.51 -12.32 22.93
C ILE B 24 30.50 -11.73 21.93
N GLN B 25 30.05 -10.72 21.19
CA GLN B 25 30.89 -10.11 20.18
C GLN B 25 31.89 -9.14 20.82
N ALA B 26 32.74 -8.55 19.98
CA ALA B 26 33.91 -7.84 20.47
C ALA B 26 33.54 -6.59 21.26
N TYR B 27 32.63 -5.77 20.72
CA TYR B 27 32.43 -4.43 21.27
C TYR B 27 31.75 -4.47 22.64
N GLY B 28 30.51 -4.97 22.70
CA GLY B 28 29.73 -4.85 23.91
C GLY B 28 30.07 -5.89 24.96
N VAL B 29 29.50 -5.69 26.15
CA VAL B 29 29.67 -6.61 27.27
C VAL B 29 28.31 -6.91 27.87
N LEU B 30 28.22 -8.03 28.57
CA LEU B 30 26.96 -8.51 29.12
C LEU B 30 27.16 -8.99 30.55
N LEU B 31 26.13 -8.80 31.37
CA LEU B 31 26.15 -9.35 32.73
C LEU B 31 24.72 -9.64 33.18
N ALA B 32 24.52 -10.79 33.79
CA ALA B 32 23.20 -11.28 34.14
C ALA B 32 22.93 -11.14 35.63
N PHE B 33 21.65 -11.03 35.97
CA PHE B 33 21.21 -10.82 37.34
C PHE B 33 19.99 -11.69 37.62
N ARG B 34 19.85 -12.06 38.90
CA ARG B 34 18.83 -13.00 39.37
C ARG B 34 18.19 -12.43 40.63
N GLY B 35 16.88 -12.18 40.57
CA GLY B 35 16.10 -11.85 41.74
C GLY B 35 16.41 -10.50 42.35
N PRO B 36 15.74 -10.18 43.46
CA PRO B 36 16.01 -8.91 44.13
C PRO B 36 17.44 -8.76 44.60
N ASP B 37 18.08 -9.84 45.02
CA ASP B 37 19.50 -9.79 45.39
C ASP B 37 20.42 -9.59 44.20
N ARG B 38 19.88 -9.70 42.98
CA ARG B 38 20.62 -9.52 41.72
C ARG B 38 22.01 -10.16 41.77
N ARG B 39 22.00 -11.47 41.98
CA ARG B 39 23.25 -12.23 41.92
C ARG B 39 23.81 -12.21 40.51
N LEU B 40 25.10 -11.91 40.40
CA LEU B 40 25.76 -11.81 39.09
C LEU B 40 26.04 -13.22 38.56
N GLU B 41 25.45 -13.56 37.42
CA GLU B 41 25.55 -14.91 36.88
C GLU B 41 26.72 -15.08 35.93
N VAL B 42 26.75 -14.30 34.86
CA VAL B 42 27.81 -14.40 33.85
C VAL B 42 28.38 -13.02 33.58
N VAL B 43 29.63 -13.00 33.12
CA VAL B 43 30.33 -11.78 32.77
C VAL B 43 31.17 -12.02 31.52
N SER B 44 31.43 -10.94 30.80
CA SER B 44 32.30 -11.03 29.63
C SER B 44 33.77 -10.96 30.06
N ALA B 45 34.64 -11.44 29.17
CA ALA B 45 36.07 -11.39 29.46
C ALA B 45 36.63 -9.98 29.30
N ASN B 46 36.01 -9.16 28.46
CA ASN B 46 36.50 -7.82 28.18
C ASN B 46 35.89 -6.75 29.08
N THR B 47 34.97 -7.11 29.97
CA THR B 47 34.34 -6.13 30.83
C THR B 47 35.29 -5.57 31.89
N GLN B 48 36.41 -6.25 32.15
CA GLN B 48 37.33 -5.79 33.19
C GLN B 48 37.82 -4.37 32.92
N ALA B 49 38.03 -4.03 31.64
CA ALA B 49 38.41 -2.67 31.30
C ALA B 49 37.32 -1.67 31.67
N LEU B 50 36.05 -2.01 31.38
CA LEU B 50 34.96 -1.10 31.69
C LEU B 50 34.65 -1.10 33.17
N LEU B 51 34.63 -2.28 33.80
CA LEU B 51 34.29 -2.36 35.21
C LEU B 51 35.44 -1.91 36.10
N GLY B 52 36.68 -2.03 35.61
CA GLY B 52 37.85 -1.61 36.37
C GLY B 52 38.34 -2.62 37.39
N ARG B 53 37.70 -3.77 37.51
CA ARG B 53 38.05 -4.80 38.48
C ARG B 53 37.90 -6.17 37.83
N PRO B 54 38.66 -7.16 38.29
CA PRO B 54 38.63 -8.49 37.65
C PRO B 54 37.23 -9.07 37.66
N PRO B 55 36.80 -9.66 36.54
CA PRO B 55 35.42 -10.18 36.46
C PRO B 55 35.18 -11.42 37.30
N GLU B 56 36.20 -12.27 37.47
CA GLU B 56 35.98 -13.55 38.15
C GLU B 56 35.58 -13.36 39.61
N ALA B 57 36.18 -12.40 40.30
CA ALA B 57 35.87 -12.18 41.70
C ALA B 57 34.45 -11.65 41.90
N LEU B 58 33.83 -11.09 40.88
CA LEU B 58 32.49 -10.52 41.00
C LEU B 58 31.38 -11.53 40.77
N LEU B 59 31.72 -12.79 40.48
CA LEU B 59 30.72 -13.81 40.22
C LEU B 59 29.77 -13.96 41.41
N GLY B 60 28.50 -13.60 41.20
CA GLY B 60 27.52 -13.66 42.27
C GLY B 60 27.54 -12.51 43.24
N LYS B 61 28.14 -11.38 42.87
CA LYS B 61 28.22 -10.22 43.74
C LYS B 61 27.05 -9.27 43.49
N THR B 62 26.81 -8.39 44.45
CA THR B 62 25.69 -7.46 44.36
C THR B 62 25.98 -6.37 43.32
N ALA B 63 24.90 -5.79 42.81
CA ALA B 63 25.03 -4.73 41.80
C ALA B 63 25.43 -3.39 42.41
N ALA B 64 25.39 -3.27 43.74
CA ALA B 64 25.69 -1.99 44.37
C ALA B 64 27.12 -1.54 44.08
N GLN B 65 28.07 -2.47 44.14
CA GLN B 65 29.48 -2.12 43.98
C GLN B 65 30.09 -2.58 42.68
N VAL B 66 29.52 -3.63 42.04
CA VAL B 66 30.05 -4.09 40.76
C VAL B 66 29.90 -3.01 39.70
N LEU B 67 28.72 -2.38 39.66
CA LEU B 67 28.36 -1.43 38.62
C LEU B 67 28.44 0.00 39.13
N PRO B 68 28.89 0.94 38.29
CA PRO B 68 29.09 2.32 38.75
C PRO B 68 27.78 2.98 39.16
N ALA B 69 27.89 3.92 40.11
CA ALA B 69 26.71 4.45 40.79
C ALA B 69 25.72 5.09 39.83
N GLU B 70 26.21 5.64 38.71
CA GLU B 70 25.31 6.34 37.79
C GLU B 70 24.30 5.38 37.17
N LEU B 71 24.73 4.18 36.78
CA LEU B 71 23.81 3.21 36.21
C LEU B 71 22.76 2.77 37.23
N TRP B 72 23.18 2.57 38.48
CA TRP B 72 22.24 2.22 39.54
C TRP B 72 21.25 3.35 39.79
N ALA B 73 21.70 4.61 39.64
CA ALA B 73 20.78 5.73 39.77
C ALA B 73 19.74 5.72 38.65
N GLN B 74 20.13 5.27 37.47
CA GLN B 74 19.23 5.23 36.32
C GLN B 74 18.70 3.83 36.03
N TRP B 75 18.89 2.88 36.96
CA TRP B 75 18.42 1.52 36.73
C TRP B 75 16.90 1.47 36.56
N GLU B 76 16.17 2.16 37.44
CA GLU B 76 14.72 2.22 37.30
C GLU B 76 14.32 2.99 36.04
N LEU B 77 15.12 3.99 35.64
CA LEU B 77 14.85 4.69 34.40
C LEU B 77 15.18 3.83 33.19
N LEU B 78 16.29 3.07 33.26
CA LEU B 78 16.66 2.19 32.17
C LEU B 78 15.66 1.06 31.99
N SER B 79 15.02 0.62 33.07
CA SER B 79 14.03 -0.44 32.96
C SER B 79 12.82 -0.02 32.14
N ALA B 80 12.42 1.26 32.24
CA ALA B 80 11.22 1.72 31.54
C ALA B 80 11.39 1.64 30.02
N ARG B 81 12.47 2.23 29.50
CA ARG B 81 12.67 2.23 28.06
C ARG B 81 13.34 0.95 27.56
N GLY B 82 14.15 0.31 28.39
CA GLY B 82 14.93 -0.84 27.97
C GLY B 82 16.22 -0.49 27.25
N ALA B 83 16.50 0.80 27.04
CA ALA B 83 17.73 1.24 26.41
C ALA B 83 17.93 2.71 26.74
N LEU B 84 19.18 3.07 27.07
CA LEU B 84 19.45 4.44 27.49
C LEU B 84 20.91 4.79 27.24
N ARG B 85 21.14 6.07 26.99
CA ARG B 85 22.48 6.63 26.83
C ARG B 85 22.91 7.24 28.15
N VAL B 86 24.13 6.95 28.59
CA VAL B 86 24.62 7.44 29.88
C VAL B 86 26.08 7.85 29.75
N ALA B 87 26.45 8.92 30.44
CA ALA B 87 27.83 9.37 30.46
C ALA B 87 28.62 8.62 31.52
N LEU B 88 29.74 8.03 31.10
CA LEU B 88 30.63 7.27 31.97
C LEU B 88 32.02 7.86 31.87
N PRO B 89 32.88 7.64 32.89
CA PRO B 89 34.22 8.23 32.85
C PRO B 89 35.02 7.87 31.61
N SER B 90 34.91 6.62 31.14
CA SER B 90 35.57 6.25 29.89
C SER B 90 34.98 7.01 28.72
N GLY B 91 33.67 7.26 28.74
CA GLY B 91 32.99 7.96 27.69
C GLY B 91 31.51 7.64 27.70
N PRO B 92 30.77 8.16 26.72
CA PRO B 92 29.36 7.80 26.60
C PRO B 92 29.21 6.31 26.34
N TYR B 93 28.16 5.72 26.91
CA TYR B 93 27.93 4.29 26.79
C TYR B 93 26.44 4.04 26.79
N ARG B 94 26.02 3.04 26.03
CA ARG B 94 24.60 2.78 25.81
C ARG B 94 24.23 1.41 26.35
N ALA B 95 23.22 1.38 27.21
CA ALA B 95 22.89 0.20 27.99
C ALA B 95 21.47 -0.25 27.72
N LEU B 96 21.27 -1.57 27.80
CA LEU B 96 20.00 -2.21 27.52
C LEU B 96 19.69 -3.27 28.58
N LEU B 97 18.39 -3.48 28.81
CA LEU B 97 17.87 -4.50 29.71
C LEU B 97 16.84 -5.34 28.99
N HIS B 98 16.90 -6.66 29.19
CA HIS B 98 15.84 -7.54 28.72
C HIS B 98 15.89 -8.88 29.44
N GLU B 99 14.85 -9.68 29.23
CA GLU B 99 14.59 -10.90 29.96
C GLU B 99 14.85 -12.12 29.08
N SER B 100 15.60 -13.09 29.62
CA SER B 100 15.83 -14.35 28.94
C SER B 100 16.20 -15.40 29.98
N ASP B 101 15.64 -16.61 29.83
CA ASP B 101 15.92 -17.75 30.69
C ASP B 101 15.55 -17.50 32.15
N GLY B 102 14.57 -16.62 32.40
CA GLY B 102 14.24 -16.28 33.78
C GLY B 102 15.27 -15.40 34.46
N LEU B 103 16.22 -14.85 33.71
CA LEU B 103 17.39 -14.17 34.24
C LEU B 103 17.54 -12.84 33.52
N THR B 104 17.50 -11.74 34.26
CA THR B 104 17.56 -10.44 33.59
C THR B 104 18.97 -10.16 33.13
N VAL B 105 19.12 -9.42 32.03
CA VAL B 105 20.45 -9.18 31.46
C VAL B 105 20.66 -7.68 31.29
N LEU B 106 21.89 -7.24 31.54
CA LEU B 106 22.33 -5.87 31.30
C LEU B 106 23.42 -5.90 30.24
N GLU B 107 23.21 -5.13 29.18
CA GLU B 107 24.09 -5.10 28.02
C GLU B 107 24.65 -3.69 27.85
N LEU B 108 25.96 -3.61 27.63
CA LEU B 108 26.63 -2.33 27.45
C LEU B 108 27.31 -2.30 26.09
N GLU B 109 27.16 -1.18 25.39
CA GLU B 109 27.67 -1.01 24.04
C GLU B 109 28.36 0.34 23.93
N PRO B 110 29.42 0.42 23.12
CA PRO B 110 30.04 1.73 22.85
C PRO B 110 29.04 2.69 22.22
N ALA B 111 29.15 3.96 22.60
CA ALA B 111 28.17 4.96 22.20
C ALA B 111 28.81 6.05 21.37
N GLU B 112 28.05 6.53 20.39
CA GLU B 112 28.46 7.67 19.59
C GLU B 112 28.46 8.94 20.43
N LEU B 113 29.43 9.81 20.17
CA LEU B 113 29.61 11.02 20.95
C LEU B 113 28.47 12.01 20.78
N GLN B 114 27.65 11.86 19.74
CA GLN B 114 26.54 12.78 19.51
C GLN B 114 25.52 12.67 20.64
N PRO B 115 25.06 13.79 21.20
CA PRO B 115 24.10 13.71 22.31
C PRO B 115 22.67 13.44 21.85
N ASP B 116 22.51 13.07 20.59
CA ASP B 116 21.21 12.77 19.99
C ASP B 116 20.28 13.98 20.02
N MET B 117 20.83 15.20 20.03
CA MET B 117 20.02 16.40 20.00
C MET B 117 19.87 16.96 18.59
N GLU B 118 20.89 16.80 17.75
CA GLU B 118 20.84 17.27 16.37
C GLU B 118 20.27 16.18 15.46
N GLU B 119 19.49 16.60 14.48
CA GLU B 119 18.81 15.73 13.52
C GLU B 119 18.27 14.46 14.18
N THR B 120 17.37 14.66 15.13
CA THR B 120 16.80 13.55 15.89
C THR B 120 15.88 12.72 15.00
N ALA B 121 15.24 11.72 15.60
CA ALA B 121 14.31 10.88 14.88
C ALA B 121 13.04 11.66 14.53
N LEU B 122 12.17 11.02 13.74
CA LEU B 122 10.89 11.51 13.25
C LEU B 122 11.04 12.69 12.29
N GLU B 123 12.26 13.11 11.95
CA GLU B 123 12.48 13.99 10.81
C GLU B 123 13.35 13.36 9.73
N LEU B 124 14.13 12.33 10.04
CA LEU B 124 14.72 11.51 9.00
C LEU B 124 13.74 10.48 8.45
N VAL B 125 12.70 10.15 9.23
CA VAL B 125 11.69 9.20 8.76
C VAL B 125 10.98 9.75 7.53
N ARG B 126 10.62 11.03 7.55
CA ARG B 126 10.05 11.63 6.35
C ARG B 126 11.06 11.74 5.21
N ARG B 127 12.35 11.90 5.54
CA ARG B 127 13.38 11.84 4.51
C ARG B 127 13.37 10.49 3.80
N LEU B 128 13.19 9.41 4.57
CA LEU B 128 13.12 8.08 3.96
C LEU B 128 11.82 7.88 3.21
N VAL B 129 10.72 8.44 3.73
CA VAL B 129 9.41 8.21 3.14
C VAL B 129 9.28 8.94 1.80
N SER B 130 9.80 10.16 1.71
CA SER B 130 9.53 11.01 0.56
C SER B 130 9.89 10.38 -0.80
N PRO B 131 11.01 9.67 -0.96
CA PRO B 131 11.28 9.06 -2.28
C PRO B 131 10.24 8.04 -2.71
N LEU B 132 9.50 7.46 -1.76
CA LEU B 132 8.49 6.45 -2.06
C LEU B 132 7.20 7.04 -2.64
N ALA B 133 7.20 8.34 -2.98
CA ALA B 133 5.98 8.96 -3.49
C ALA B 133 5.54 8.34 -4.81
N GLY B 134 6.48 7.83 -5.59
CA GLY B 134 6.14 7.17 -6.85
C GLY B 134 5.97 5.68 -6.65
N ALA B 135 6.87 4.88 -7.22
CA ALA B 135 6.88 3.43 -7.02
C ALA B 135 5.55 2.81 -7.47
N LYS B 136 5.33 2.87 -8.78
CA LYS B 136 4.06 2.40 -9.33
C LYS B 136 3.89 0.90 -9.10
N GLY B 137 4.99 0.15 -9.02
CA GLY B 137 4.92 -1.28 -8.86
C GLY B 137 5.95 -1.85 -7.89
N THR B 138 5.81 -3.13 -7.56
CA THR B 138 6.63 -3.74 -6.50
C THR B 138 8.11 -3.59 -6.78
N ARG B 139 8.53 -3.82 -8.02
CA ARG B 139 9.95 -3.83 -8.37
C ARG B 139 10.59 -2.46 -8.10
N GLU B 140 9.94 -1.38 -8.54
CA GLU B 140 10.46 -0.05 -8.25
C GLU B 140 10.26 0.35 -6.79
N LEU B 141 9.23 -0.17 -6.11
CA LEU B 141 9.18 -0.01 -4.66
C LEU B 141 10.47 -0.49 -4.02
N LEU B 142 10.86 -1.73 -4.34
CA LEU B 142 12.06 -2.30 -3.72
C LEU B 142 13.30 -1.54 -4.15
N GLN B 143 13.37 -1.13 -5.42
CA GLN B 143 14.53 -0.38 -5.88
C GLN B 143 14.68 0.93 -5.12
N THR B 144 13.59 1.70 -5.00
CA THR B 144 13.66 2.98 -4.30
C THR B 144 13.97 2.78 -2.83
N ALA B 145 13.37 1.75 -2.21
CA ALA B 145 13.65 1.48 -0.80
C ALA B 145 15.12 1.13 -0.59
N ALA B 146 15.68 0.28 -1.46
CA ALA B 146 17.08 -0.07 -1.34
C ALA B 146 17.97 1.14 -1.55
N ASN B 147 17.65 1.98 -2.53
CA ASN B 147 18.45 3.17 -2.79
C ASN B 147 18.44 4.11 -1.59
N THR B 148 17.26 4.35 -1.00
CA THR B 148 17.19 5.30 0.11
C THR B 148 17.80 4.71 1.38
N VAL B 149 17.70 3.40 1.59
CA VAL B 149 18.38 2.78 2.73
C VAL B 149 19.89 2.89 2.55
N ARG B 150 20.39 2.68 1.33
CA ARG B 150 21.80 2.87 1.05
C ARG B 150 22.23 4.31 1.33
N ALA B 151 21.40 5.26 0.92
CA ALA B 151 21.70 6.67 1.17
C ALA B 151 21.77 6.95 2.67
N LEU B 152 20.84 6.40 3.45
CA LEU B 152 20.87 6.59 4.89
C LEU B 152 22.13 5.99 5.51
N THR B 153 22.40 4.72 5.21
CA THR B 153 23.51 4.03 5.86
C THR B 153 24.85 4.56 5.37
N GLY B 154 24.96 4.85 4.08
CA GLY B 154 26.25 5.10 3.49
C GLY B 154 27.06 3.86 3.24
N PHE B 155 26.46 2.69 3.32
CA PHE B 155 27.15 1.42 3.14
C PHE B 155 27.55 1.25 1.67
N ASP B 156 28.18 0.11 1.38
CA ASP B 156 28.71 -0.12 0.04
C ASP B 156 27.65 -0.70 -0.89
N ARG B 157 27.00 -1.79 -0.48
CA ARG B 157 26.10 -2.53 -1.36
C ARG B 157 24.88 -2.98 -0.56
N VAL B 158 23.71 -2.45 -0.92
CA VAL B 158 22.45 -2.91 -0.35
C VAL B 158 21.87 -3.99 -1.24
N MET B 159 21.15 -4.94 -0.64
CA MET B 159 20.60 -6.07 -1.38
C MET B 159 19.24 -6.44 -0.82
N VAL B 160 18.41 -7.05 -1.67
CA VAL B 160 17.07 -7.48 -1.31
C VAL B 160 16.92 -8.95 -1.70
N TYR B 161 16.34 -9.73 -0.79
CA TYR B 161 16.16 -11.17 -0.98
C TYR B 161 14.68 -11.50 -0.90
N ARG B 162 14.22 -12.35 -1.83
CA ARG B 162 12.84 -12.82 -1.85
C ARG B 162 12.83 -14.35 -1.80
N PHE B 163 11.89 -14.91 -1.06
CA PHE B 163 11.77 -16.36 -0.93
C PHE B 163 10.50 -16.83 -1.64
N ASP B 164 10.59 -18.02 -2.23
CA ASP B 164 9.46 -18.64 -2.91
C ASP B 164 8.61 -19.40 -1.90
N ALA B 165 7.66 -20.18 -2.40
CA ALA B 165 6.83 -20.99 -1.51
C ALA B 165 7.65 -22.05 -0.79
N ASP B 166 8.57 -22.69 -1.51
CA ASP B 166 9.48 -23.68 -0.94
C ASP B 166 10.78 -23.06 -0.44
N TRP B 167 10.77 -21.77 -0.12
CA TRP B 167 11.84 -21.04 0.56
C TRP B 167 13.09 -20.85 -0.29
N HIS B 168 13.03 -21.13 -1.59
CA HIS B 168 14.15 -20.81 -2.46
C HIS B 168 14.28 -19.30 -2.61
N GLY B 169 15.52 -18.84 -2.74
CA GLY B 169 15.85 -17.43 -2.64
C GLY B 169 15.85 -16.72 -3.98
N GLU B 170 15.27 -15.52 -4.00
CA GLU B 170 15.22 -14.65 -5.17
C GLU B 170 15.94 -13.35 -4.84
N VAL B 171 16.45 -12.69 -5.87
CA VAL B 171 17.04 -11.36 -5.74
C VAL B 171 16.28 -10.44 -6.69
N LEU B 172 15.42 -9.58 -6.12
CA LEU B 172 14.54 -8.76 -6.94
C LEU B 172 15.28 -7.51 -7.45
N ALA B 173 15.90 -6.75 -6.55
CA ALA B 173 16.55 -5.52 -6.93
C ALA B 173 17.67 -5.21 -5.95
N GLU B 174 18.58 -4.35 -6.38
CA GLU B 174 19.69 -3.93 -5.55
C GLU B 174 20.20 -2.58 -6.05
N SER B 175 20.89 -1.87 -5.17
CA SER B 175 21.50 -0.58 -5.49
C SER B 175 22.97 -0.64 -5.10
N LYS B 176 23.84 -0.33 -6.06
CA LYS B 176 25.28 -0.40 -5.85
C LYS B 176 25.95 0.84 -6.43
N ARG B 177 27.03 1.26 -5.78
CA ARG B 177 27.90 2.25 -6.39
C ARG B 177 28.79 1.58 -7.42
N GLU B 178 29.50 2.40 -8.19
CA GLU B 178 30.35 1.87 -9.25
C GLU B 178 31.62 1.27 -8.65
N GLY B 179 31.93 0.04 -9.06
CA GLY B 179 33.20 -0.56 -8.74
C GLY B 179 33.20 -1.86 -7.97
N MET B 180 32.05 -2.50 -7.77
CA MET B 180 32.00 -3.80 -7.10
C MET B 180 31.23 -4.80 -7.96
N ASP B 181 30.96 -5.96 -7.38
CA ASP B 181 30.27 -7.03 -8.07
C ASP B 181 28.76 -6.91 -7.87
N GLY B 182 28.01 -7.15 -8.94
CA GLY B 182 26.56 -7.15 -8.89
C GLY B 182 26.02 -8.56 -8.97
N PHE B 183 24.95 -8.82 -8.22
CA PHE B 183 24.35 -10.15 -8.16
C PHE B 183 22.84 -10.07 -8.34
N LEU B 184 22.40 -9.21 -9.25
CA LEU B 184 20.98 -9.14 -9.57
C LEU B 184 20.56 -10.38 -10.36
N GLY B 185 19.47 -11.00 -9.92
CA GLY B 185 19.01 -12.23 -10.53
C GLY B 185 19.75 -13.48 -10.09
N MET B 186 20.65 -13.36 -9.13
CA MET B 186 21.39 -14.50 -8.60
C MET B 186 20.50 -15.28 -7.64
N HIS B 187 20.80 -16.56 -7.49
CA HIS B 187 19.89 -17.50 -6.83
C HIS B 187 20.62 -18.29 -5.75
N PHE B 188 19.94 -18.52 -4.63
CA PHE B 188 20.50 -19.37 -3.59
C PHE B 188 19.45 -20.36 -3.09
N PRO B 189 19.88 -21.57 -2.73
CA PRO B 189 18.92 -22.60 -2.31
C PRO B 189 18.27 -22.26 -0.98
N ALA B 190 17.18 -22.98 -0.69
CA ALA B 190 16.44 -22.75 0.55
C ALA B 190 17.27 -23.12 1.77
N THR B 191 18.07 -24.18 1.68
CA THR B 191 18.85 -24.65 2.81
C THR B 191 19.96 -23.69 3.23
N ASP B 192 20.25 -22.68 2.41
CA ASP B 192 21.30 -21.72 2.76
C ASP B 192 20.95 -20.96 4.04
N ILE B 193 19.66 -20.74 4.27
CA ILE B 193 19.19 -20.14 5.52
C ILE B 193 18.67 -21.27 6.40
N PRO B 194 19.33 -21.56 7.52
CA PRO B 194 18.88 -22.68 8.37
C PRO B 194 17.51 -22.42 8.97
N VAL B 195 16.79 -23.52 9.22
CA VAL B 195 15.47 -23.42 9.85
C VAL B 195 15.59 -22.76 11.22
N GLN B 196 16.72 -22.94 11.89
CA GLN B 196 16.95 -22.25 13.17
C GLN B 196 17.01 -20.74 12.96
N ALA B 197 17.61 -20.29 11.85
CA ALA B 197 17.78 -18.87 11.61
C ALA B 197 16.47 -18.19 11.20
N ARG B 198 15.57 -18.91 10.54
CA ARG B 198 14.34 -18.29 10.05
C ARG B 198 13.46 -17.82 11.20
N ALA B 199 13.30 -18.65 12.23
CA ALA B 199 12.48 -18.25 13.37
C ALA B 199 13.08 -17.06 14.10
N LEU B 200 14.41 -17.05 14.25
CA LEU B 200 15.07 -15.92 14.89
C LEU B 200 14.90 -14.64 14.08
N TYR B 201 15.06 -14.73 12.76
CA TYR B 201 14.83 -13.57 11.90
C TYR B 201 13.40 -13.08 12.02
N THR B 202 12.45 -14.00 12.15
CA THR B 202 11.07 -13.61 12.40
C THR B 202 10.93 -12.88 13.73
N ARG B 203 11.65 -13.34 14.76
CA ARG B 203 11.46 -12.81 16.11
C ARG B 203 11.89 -11.35 16.21
N ASN B 204 13.10 -11.03 15.74
CA ASN B 204 13.55 -9.65 15.87
C ASN B 204 13.90 -9.07 14.50
N PRO B 205 13.61 -7.79 14.27
CA PRO B 205 13.82 -7.23 12.93
C PRO B 205 15.28 -7.01 12.56
N LEU B 206 16.08 -6.48 13.49
CA LEU B 206 17.42 -5.98 13.17
C LEU B 206 18.49 -6.87 13.80
N ARG B 207 19.52 -7.19 13.01
CA ARG B 207 20.74 -7.79 13.54
C ARG B 207 21.92 -7.11 12.89
N LEU B 208 22.90 -6.71 13.69
CA LEU B 208 24.08 -5.99 13.24
C LEU B 208 25.31 -6.87 13.42
N ILE B 209 26.13 -6.94 12.37
CA ILE B 209 27.42 -7.62 12.42
C ILE B 209 28.44 -6.58 12.87
N ALA B 210 28.97 -6.76 14.08
CA ALA B 210 29.86 -5.74 14.63
C ALA B 210 31.19 -5.71 13.89
N ASN B 211 31.92 -6.83 13.90
CA ASN B 211 33.23 -6.89 13.26
C ASN B 211 33.45 -8.35 12.87
N ALA B 212 33.75 -8.58 11.58
CA ALA B 212 33.99 -9.93 11.12
C ALA B 212 35.38 -10.44 11.53
N ARG B 213 36.38 -9.56 11.49
CA ARG B 213 37.75 -9.98 11.77
C ARG B 213 37.91 -10.44 13.22
N ALA B 214 37.28 -9.72 14.15
CA ALA B 214 37.47 -10.02 15.58
C ALA B 214 36.86 -11.37 15.92
N ARG B 215 37.64 -12.20 16.62
CA ARG B 215 37.14 -13.48 17.08
C ARG B 215 36.13 -13.27 18.22
N PRO B 216 35.14 -14.16 18.35
CA PRO B 216 34.15 -14.00 19.43
C PRO B 216 34.77 -14.24 20.80
N VAL B 217 34.79 -13.21 21.63
CA VAL B 217 35.33 -13.34 22.98
C VAL B 217 34.44 -14.29 23.78
N PRO B 218 35.01 -15.24 24.53
CA PRO B 218 34.17 -16.20 25.27
C PRO B 218 33.44 -15.53 26.42
N LEU B 219 32.36 -16.18 26.83
CA LEU B 219 31.54 -15.73 27.94
C LEU B 219 31.85 -16.58 29.17
N VAL B 220 32.08 -15.92 30.30
CA VAL B 220 32.47 -16.56 31.55
C VAL B 220 31.30 -16.46 32.53
N PRO B 221 30.88 -17.56 33.17
CA PRO B 221 31.42 -18.93 33.06
C PRO B 221 31.09 -19.59 31.73
N SER B 222 31.78 -20.70 31.43
CA SER B 222 31.53 -21.41 30.19
C SER B 222 30.10 -21.93 30.12
N VAL B 223 29.49 -22.23 31.27
CA VAL B 223 28.12 -22.71 31.31
C VAL B 223 27.54 -22.38 32.68
N VAL B 224 26.25 -22.07 32.71
CA VAL B 224 25.55 -21.78 33.96
C VAL B 224 25.30 -23.10 34.68
N PRO B 225 25.36 -23.12 36.02
CA PRO B 225 25.15 -24.40 36.73
C PRO B 225 23.70 -24.86 36.74
N GLU B 226 22.76 -23.95 36.94
CA GLU B 226 21.37 -24.35 37.18
C GLU B 226 20.75 -24.97 35.94
N LEU B 227 21.05 -24.45 34.75
CA LEU B 227 20.43 -24.95 33.53
C LEU B 227 21.25 -26.03 32.84
N GLY B 228 22.57 -26.00 33.00
CA GLY B 228 23.42 -26.95 32.31
C GLY B 228 23.76 -26.58 30.88
N ARG B 229 23.21 -25.49 30.36
CA ARG B 229 23.48 -24.99 29.03
C ARG B 229 23.66 -23.48 29.10
N PRO B 230 24.48 -22.91 28.22
CA PRO B 230 24.61 -21.45 28.19
C PRO B 230 23.29 -20.78 27.89
N LEU B 231 23.04 -19.66 28.56
CA LEU B 231 21.78 -18.94 28.40
C LEU B 231 21.69 -18.32 27.02
N ASP B 232 20.52 -18.43 26.39
CA ASP B 232 20.36 -17.96 25.02
C ASP B 232 20.16 -16.44 24.99
N LEU B 233 20.42 -15.87 23.82
CA LEU B 233 20.40 -14.42 23.63
C LEU B 233 19.53 -14.05 22.44
N SER B 234 18.35 -14.66 22.33
CA SER B 234 17.44 -14.30 21.26
C SER B 234 16.98 -12.85 21.37
N GLY B 235 16.65 -12.41 22.58
CA GLY B 235 16.28 -11.02 22.78
C GLY B 235 17.43 -10.07 22.54
N SER B 236 18.64 -10.48 22.91
CA SER B 236 19.81 -9.64 22.72
C SER B 236 20.14 -9.49 21.24
N ALA B 237 20.54 -8.28 20.84
CA ALA B 237 20.97 -8.01 19.48
C ALA B 237 22.46 -8.15 19.29
N LEU B 238 23.20 -8.51 20.34
CA LEU B 238 24.65 -8.65 20.29
C LEU B 238 25.09 -10.11 20.18
N ARG B 239 24.14 -11.04 20.11
CA ARG B 239 24.46 -12.46 20.10
C ARG B 239 25.40 -12.81 18.95
N SER B 240 26.47 -13.53 19.27
CA SER B 240 27.50 -13.83 18.28
C SER B 240 27.00 -14.84 17.24
N VAL B 241 27.63 -14.82 16.09
CA VAL B 241 27.22 -15.66 14.98
C VAL B 241 28.09 -16.91 14.92
N SER B 242 27.63 -17.89 14.14
CA SER B 242 28.31 -19.17 14.05
C SER B 242 29.68 -19.00 13.39
N PRO B 243 30.67 -19.80 13.81
CA PRO B 243 31.98 -19.75 13.13
C PRO B 243 31.89 -20.14 11.65
N ILE B 244 30.87 -20.92 11.28
CA ILE B 244 30.69 -21.28 9.88
C ILE B 244 30.39 -20.05 9.05
N HIS B 245 29.58 -19.13 9.58
CA HIS B 245 29.26 -17.92 8.83
C HIS B 245 30.44 -16.97 8.75
N LEU B 246 31.42 -17.08 9.66
CA LEU B 246 32.62 -16.26 9.57
C LEU B 246 33.40 -16.55 8.31
N GLU B 247 33.57 -17.84 7.98
CA GLU B 247 34.25 -18.21 6.74
C GLU B 247 33.49 -17.70 5.52
N TYR B 248 32.16 -17.73 5.55
CA TYR B 248 31.38 -17.22 4.42
C TYR B 248 31.59 -15.72 4.26
N LEU B 249 31.46 -14.98 5.36
CA LEU B 249 31.59 -13.53 5.31
C LEU B 249 33.00 -13.12 4.94
N ARG B 250 33.99 -13.93 5.33
CA ARG B 250 35.36 -13.69 4.89
C ARG B 250 35.50 -13.94 3.40
N ASN B 251 34.85 -15.00 2.89
CA ASN B 251 34.98 -15.33 1.49
C ASN B 251 34.39 -14.25 0.59
N MET B 252 33.23 -13.69 0.96
CA MET B 252 32.74 -12.59 0.15
C MET B 252 33.49 -11.29 0.41
N GLY B 253 34.26 -11.22 1.49
CA GLY B 253 35.08 -10.07 1.78
C GLY B 253 34.38 -8.95 2.53
N VAL B 254 33.08 -9.08 2.80
CA VAL B 254 32.37 -8.04 3.55
C VAL B 254 32.79 -8.11 5.01
N GLU B 255 32.82 -6.95 5.67
CA GLU B 255 33.20 -6.88 7.07
C GLU B 255 32.01 -6.70 8.01
N ALA B 256 31.00 -5.91 7.62
CA ALA B 256 29.84 -5.66 8.47
C ALA B 256 28.57 -5.81 7.67
N SER B 257 27.52 -6.27 8.34
CA SER B 257 26.20 -6.45 7.74
C SER B 257 25.15 -5.87 8.66
N PHE B 258 24.02 -5.47 8.07
CA PHE B 258 22.93 -4.84 8.81
C PHE B 258 21.62 -5.41 8.27
N SER B 259 21.17 -6.51 8.86
CA SER B 259 20.09 -7.31 8.29
C SER B 259 18.74 -6.70 8.63
N LEU B 260 17.93 -6.44 7.62
CA LEU B 260 16.58 -5.93 7.77
C LEU B 260 15.59 -6.97 7.26
N SER B 261 14.55 -7.24 8.03
CA SER B 261 13.60 -8.30 7.75
C SER B 261 12.26 -7.69 7.31
N LEU B 262 11.72 -8.22 6.21
CA LEU B 262 10.41 -7.82 5.70
C LEU B 262 9.45 -9.00 5.84
N LEU B 263 8.45 -8.84 6.71
CA LEU B 263 7.46 -9.86 7.00
C LEU B 263 6.10 -9.36 6.54
N LYS B 264 5.42 -10.16 5.73
CA LYS B 264 4.03 -9.91 5.40
C LYS B 264 3.15 -10.92 6.14
N ASP B 265 2.16 -10.39 6.87
CA ASP B 265 1.25 -11.18 7.70
C ASP B 265 1.95 -12.30 8.45
N GLY B 266 3.13 -12.03 8.98
CA GLY B 266 3.84 -13.01 9.80
C GLY B 266 4.70 -13.99 9.05
N ALA B 267 5.08 -13.70 7.81
CA ALA B 267 5.92 -14.58 7.01
C ALA B 267 7.07 -13.77 6.41
N LEU B 268 8.26 -14.37 6.41
CA LEU B 268 9.48 -13.71 5.93
C LEU B 268 9.43 -13.65 4.41
N TRP B 269 8.80 -12.59 3.89
CA TRP B 269 8.71 -12.47 2.44
C TRP B 269 10.03 -12.03 1.85
N GLY B 270 10.70 -11.10 2.51
CA GLY B 270 11.94 -10.56 2.00
C GLY B 270 12.94 -10.34 3.12
N LEU B 271 14.17 -10.05 2.71
CA LEU B 271 15.26 -9.81 3.65
C LEU B 271 16.21 -8.79 3.05
N ILE B 272 16.45 -7.70 3.77
CA ILE B 272 17.39 -6.66 3.35
C ILE B 272 18.67 -6.86 4.15
N ALA B 273 19.79 -7.07 3.44
CA ALA B 273 21.07 -7.35 4.07
C ALA B 273 22.12 -6.43 3.43
N CYS B 274 22.39 -5.29 4.07
CA CYS B 274 23.41 -4.39 3.59
C CYS B 274 24.80 -4.97 3.82
N HIS B 275 25.74 -4.56 2.98
CA HIS B 275 27.11 -5.05 3.04
C HIS B 275 28.09 -3.88 2.95
N HIS B 276 29.12 -3.90 3.78
CA HIS B 276 30.17 -2.89 3.77
C HIS B 276 31.52 -3.57 3.94
N LEU B 277 32.48 -3.17 3.10
CA LEU B 277 33.79 -3.80 3.08
C LEU B 277 34.61 -3.49 4.33
N ALA B 278 34.33 -2.38 5.00
CA ALA B 278 35.07 -1.94 6.16
C ALA B 278 34.11 -1.70 7.31
N PRO B 279 34.60 -1.79 8.56
CA PRO B 279 33.71 -1.53 9.71
C PRO B 279 33.16 -0.11 9.68
N LEU B 280 31.89 0.01 10.10
CA LEU B 280 31.23 1.30 10.17
C LEU B 280 30.18 1.23 11.27
N HIS B 281 30.01 2.34 11.99
CA HIS B 281 29.15 2.40 13.17
C HIS B 281 27.87 3.16 12.84
N LEU B 282 26.73 2.61 13.28
CA LEU B 282 25.42 3.20 13.06
C LEU B 282 24.78 3.51 14.42
N SER B 283 24.20 4.71 14.53
CA SER B 283 23.57 5.12 15.78
C SER B 283 22.18 4.48 15.93
N TYR B 284 21.71 4.41 17.18
CA TYR B 284 20.37 3.85 17.40
C TYR B 284 19.26 4.75 16.85
N GLU B 285 19.52 6.04 16.61
CA GLU B 285 18.50 6.79 15.89
C GLU B 285 18.27 6.19 14.50
N ARG B 286 19.36 5.90 13.80
CA ARG B 286 19.24 5.26 12.49
C ARG B 286 18.63 3.86 12.61
N ARG B 287 19.03 3.10 13.63
CA ARG B 287 18.50 1.74 13.76
C ARG B 287 16.99 1.76 14.04
N ARG B 288 16.56 2.62 14.96
CA ARG B 288 15.13 2.74 15.25
C ARG B 288 14.38 3.36 14.09
N ALA B 289 15.06 4.09 13.20
CA ALA B 289 14.42 4.54 11.96
C ALA B 289 14.25 3.40 10.96
N CYS B 290 15.28 2.57 10.77
CA CYS B 290 15.16 1.49 9.78
C CYS B 290 14.27 0.36 10.27
N GLU B 291 14.12 0.15 11.57
CA GLU B 291 13.12 -0.84 12.01
C GLU B 291 11.71 -0.36 11.67
N VAL B 292 11.45 0.93 11.88
CA VAL B 292 10.20 1.52 11.43
C VAL B 292 10.07 1.40 9.92
N LEU B 293 11.18 1.55 9.20
CA LEU B 293 11.14 1.43 7.75
C LEU B 293 10.83 0.01 7.30
N THR B 294 11.27 -0.99 8.07
CA THR B 294 10.87 -2.36 7.75
C THR B 294 9.38 -2.58 7.99
N GLN B 295 8.88 -2.09 9.13
CA GLN B 295 7.44 -2.16 9.37
C GLN B 295 6.66 -1.47 8.25
N LEU B 296 7.14 -0.29 7.83
CA LEU B 296 6.71 0.40 6.63
C LEU B 296 6.66 -0.48 5.41
N LEU B 297 7.80 -1.03 5.01
CA LEU B 297 7.89 -1.79 3.77
C LEU B 297 6.94 -2.99 3.79
N ALA B 298 6.70 -3.55 4.98
CA ALA B 298 5.80 -4.71 5.06
C ALA B 298 4.43 -4.40 4.46
N LEU B 299 3.79 -3.33 4.93
CA LEU B 299 2.43 -3.03 4.49
C LEU B 299 2.38 -2.66 3.02
N GLN B 300 3.30 -1.82 2.55
CA GLN B 300 3.26 -1.39 1.16
C GLN B 300 3.62 -2.54 0.22
N LEU B 301 4.53 -3.42 0.65
CA LEU B 301 4.81 -4.63 -0.12
C LEU B 301 3.57 -5.50 -0.23
N SER B 302 2.85 -5.69 0.88
CA SER B 302 1.62 -6.47 0.82
C SER B 302 0.61 -5.82 -0.12
N SER B 303 0.48 -4.49 -0.05
CA SER B 303 -0.46 -3.79 -0.90
C SER B 303 -0.11 -3.94 -2.38
N GLU B 304 1.17 -3.79 -2.72
CA GLU B 304 1.55 -3.86 -4.13
C GLU B 304 1.46 -5.29 -4.65
N GLU B 305 1.81 -6.27 -3.82
CA GLU B 305 1.61 -7.67 -4.20
C GLU B 305 0.13 -7.93 -4.45
N ARG B 306 -0.73 -7.43 -3.56
CA ARG B 306 -2.16 -7.72 -3.66
C ARG B 306 -2.78 -6.96 -4.83
N ALA B 307 -2.16 -5.86 -5.25
CA ALA B 307 -2.66 -5.11 -6.38
C ALA B 307 -2.19 -5.70 -7.70
N ALA B 308 -0.99 -6.31 -7.71
CA ALA B 308 -0.45 -6.86 -8.95
C ALA B 308 -1.38 -7.92 -9.53
N GLU B 309 -1.77 -8.88 -8.70
CA GLU B 309 -2.84 -9.79 -9.10
C GLU B 309 -4.17 -9.07 -9.08
N ALA B 310 -5.13 -9.64 -9.80
CA ALA B 310 -6.44 -9.09 -10.16
C ALA B 310 -6.27 -8.03 -11.26
N ALA B 311 -5.04 -7.69 -11.63
CA ALA B 311 -4.74 -6.90 -12.81
C ALA B 311 -4.13 -7.74 -13.91
N GLU B 312 -3.20 -8.64 -13.55
CA GLU B 312 -2.73 -9.64 -14.51
C GLU B 312 -3.86 -10.57 -14.93
N ASP B 313 -4.69 -11.00 -13.99
CA ASP B 313 -5.84 -11.83 -14.32
C ASP B 313 -6.84 -11.07 -15.19
N SER B 314 -7.03 -9.78 -14.90
CA SER B 314 -7.91 -8.96 -15.73
C SER B 314 -7.37 -8.85 -17.15
N HIS B 315 -6.05 -8.68 -17.29
N HIS B 315 -6.06 -8.67 -17.29
CA HIS B 315 -5.46 -8.58 -18.62
CA HIS B 315 -5.46 -8.59 -18.62
C HIS B 315 -5.58 -9.91 -19.37
C HIS B 315 -5.60 -9.91 -19.37
N ARG B 316 -5.44 -11.03 -18.66
CA ARG B 316 -5.61 -12.33 -19.29
C ARG B 316 -7.04 -12.55 -19.76
N ALA B 317 -8.01 -12.17 -18.92
CA ALA B 317 -9.42 -12.28 -19.32
C ALA B 317 -9.71 -11.40 -20.52
N ALA B 318 -9.16 -10.18 -20.53
CA ALA B 318 -9.31 -9.32 -21.69
C ALA B 318 -8.53 -9.85 -22.88
N LEU B 319 -7.38 -10.50 -22.62
CA LEU B 319 -6.59 -11.07 -23.71
C LEU B 319 -7.36 -12.17 -24.44
N LEU B 320 -8.11 -12.97 -23.69
CA LEU B 320 -8.84 -14.08 -24.32
C LEU B 320 -9.90 -13.57 -25.30
N GLY B 321 -10.35 -12.33 -25.13
CA GLY B 321 -11.41 -11.77 -25.94
C GLY B 321 -11.13 -11.64 -27.42
N PRO B 322 -9.98 -11.09 -27.82
CA PRO B 322 -9.68 -11.01 -29.27
C PRO B 322 -9.60 -12.35 -29.96
N LEU B 323 -9.38 -13.44 -29.22
CA LEU B 323 -9.38 -14.76 -29.83
C LEU B 323 -10.76 -15.07 -30.41
N ALA B 324 -11.80 -14.50 -29.80
CA ALA B 324 -13.14 -14.59 -30.38
C ALA B 324 -13.26 -13.75 -31.65
N THR B 325 -12.59 -12.59 -31.68
CA THR B 325 -12.57 -11.78 -32.89
C THR B 325 -11.82 -12.48 -34.01
N SER B 326 -10.90 -13.39 -33.69
CA SER B 326 -10.28 -14.23 -34.71
C SER B 326 -11.32 -15.10 -35.41
N LEU B 327 -12.45 -15.35 -34.76
CA LEU B 327 -13.59 -16.01 -35.36
C LEU B 327 -14.62 -14.97 -35.78
N GLY B 328 -15.46 -15.34 -36.74
CA GLY B 328 -16.36 -14.38 -37.35
C GLY B 328 -15.68 -13.71 -38.53
N ALA B 329 -14.46 -13.22 -38.30
CA ALA B 329 -13.60 -12.78 -39.40
C ALA B 329 -13.29 -13.98 -40.29
N GLY B 330 -13.43 -13.80 -41.61
CA GLY B 330 -13.31 -14.89 -42.56
C GLY B 330 -12.10 -15.80 -42.36
N GLY B 331 -12.38 -17.07 -42.06
CA GLY B 331 -11.32 -18.04 -41.83
C GLY B 331 -11.68 -19.09 -40.81
N THR B 332 -10.96 -20.20 -40.81
CA THR B 332 -11.20 -21.30 -39.88
C THR B 332 -10.30 -21.16 -38.66
N LEU B 333 -10.45 -22.11 -37.73
CA LEU B 333 -9.67 -22.10 -36.50
C LEU B 333 -8.19 -22.26 -36.80
N GLU B 334 -7.84 -23.10 -37.77
CA GLU B 334 -6.46 -23.28 -38.17
C GLU B 334 -5.88 -21.95 -38.65
N GLU B 335 -6.60 -21.25 -39.52
CA GLU B 335 -6.14 -19.96 -39.99
C GLU B 335 -6.18 -18.91 -38.88
N ALA B 336 -7.18 -18.97 -38.00
CA ALA B 336 -7.27 -18.02 -36.90
C ALA B 336 -6.05 -18.11 -35.99
N LEU B 337 -5.63 -19.33 -35.66
CA LEU B 337 -4.39 -19.51 -34.93
C LEU B 337 -3.18 -19.19 -35.79
N ALA B 338 -3.29 -19.35 -37.11
CA ALA B 338 -2.18 -19.02 -38.00
C ALA B 338 -1.84 -17.53 -37.91
N LYS B 339 -2.85 -16.67 -37.97
CA LYS B 339 -2.56 -15.24 -37.82
C LYS B 339 -2.34 -14.87 -36.36
N ASP B 340 -3.00 -15.55 -35.43
CA ASP B 340 -2.98 -15.19 -34.02
C ASP B 340 -2.34 -16.28 -33.16
N GLY B 341 -1.20 -16.82 -33.61
CA GLY B 341 -0.51 -17.82 -32.82
C GLY B 341 0.19 -17.25 -31.60
N ALA B 342 0.46 -15.94 -31.60
CA ALA B 342 1.17 -15.34 -30.48
C ALA B 342 0.29 -15.24 -29.24
N ARG B 343 -0.96 -14.78 -29.42
CA ARG B 343 -1.80 -14.47 -28.27
C ARG B 343 -2.18 -15.72 -27.47
N VAL B 344 -2.32 -16.87 -28.13
CA VAL B 344 -2.71 -18.07 -27.41
C VAL B 344 -1.61 -18.58 -26.48
N LEU B 345 -0.36 -18.16 -26.71
CA LEU B 345 0.74 -18.66 -25.89
C LEU B 345 0.69 -18.09 -24.48
N GLU B 346 0.41 -16.79 -24.35
CA GLU B 346 0.41 -16.17 -23.04
C GLU B 346 -0.90 -16.35 -22.29
N LEU B 347 -1.88 -17.04 -22.89
CA LEU B 347 -3.13 -17.29 -22.19
C LEU B 347 -2.90 -18.07 -20.89
N THR B 348 -1.92 -18.96 -20.89
CA THR B 348 -1.53 -19.69 -19.69
C THR B 348 -0.07 -19.47 -19.33
N GLY B 349 0.62 -18.54 -20.01
CA GLY B 349 2.04 -18.35 -19.78
C GLY B 349 2.88 -19.54 -20.15
N ALA B 350 2.56 -20.20 -21.26
CA ALA B 350 3.27 -21.38 -21.71
C ALA B 350 3.78 -21.16 -23.13
N THR B 351 4.97 -21.67 -23.41
CA THR B 351 5.57 -21.47 -24.72
C THR B 351 4.98 -22.37 -25.79
N GLY B 352 4.35 -23.47 -25.42
CA GLY B 352 3.75 -24.37 -26.39
C GLY B 352 2.29 -24.61 -26.11
N ALA B 353 1.50 -24.78 -27.17
CA ALA B 353 0.09 -25.10 -27.04
C ALA B 353 -0.32 -26.13 -28.08
N ALA B 354 -1.19 -27.05 -27.66
CA ALA B 354 -1.70 -28.11 -28.53
C ALA B 354 -3.22 -28.17 -28.38
N LEU B 355 -3.91 -28.40 -29.49
CA LEU B 355 -5.36 -28.50 -29.49
C LEU B 355 -5.79 -29.73 -30.27
N LEU B 356 -6.87 -30.36 -29.81
CA LEU B 356 -7.44 -31.53 -30.46
C LEU B 356 -8.96 -31.40 -30.43
N LEU B 357 -9.53 -30.87 -31.52
CA LEU B 357 -10.95 -30.66 -31.64
C LEU B 357 -11.66 -31.78 -32.40
N GLY B 358 -10.94 -32.86 -32.71
CA GLY B 358 -11.50 -34.00 -33.43
C GLY B 358 -10.70 -34.41 -34.65
N GLY B 359 -9.98 -33.48 -35.27
CA GLY B 359 -9.17 -33.78 -36.44
C GLY B 359 -7.74 -34.14 -36.07
N GLU B 360 -6.88 -34.06 -37.08
CA GLU B 360 -5.46 -34.35 -36.88
C GLU B 360 -4.84 -33.29 -35.97
N PRO B 361 -3.82 -33.66 -35.18
CA PRO B 361 -3.26 -32.72 -34.21
C PRO B 361 -2.69 -31.47 -34.86
N LEU B 362 -2.86 -30.35 -34.19
CA LEU B 362 -2.31 -29.06 -34.64
C LEU B 362 -1.60 -28.41 -33.46
N LEU B 363 -0.40 -27.89 -33.71
CA LEU B 363 0.49 -27.42 -32.66
C LEU B 363 0.90 -25.97 -32.93
N VAL B 364 1.08 -25.20 -31.86
CA VAL B 364 1.60 -23.83 -31.96
C VAL B 364 2.70 -23.65 -30.93
N GLY B 365 3.74 -22.91 -31.31
CA GLY B 365 4.90 -22.77 -30.46
C GLY B 365 5.77 -24.02 -30.53
N ARG B 366 6.72 -24.11 -29.61
CA ARG B 366 7.62 -25.25 -29.50
C ARG B 366 6.96 -26.30 -28.62
N THR B 367 6.43 -27.34 -29.24
CA THR B 367 5.72 -28.42 -28.56
C THR B 367 6.31 -29.75 -29.01
N PRO B 368 6.11 -30.81 -28.22
CA PRO B 368 6.57 -32.13 -28.65
C PRO B 368 5.87 -32.58 -29.92
N SER B 369 6.54 -33.46 -30.68
CA SER B 369 6.02 -33.98 -31.94
C SER B 369 4.66 -34.64 -31.74
N MET B 370 3.91 -34.83 -32.84
CA MET B 370 2.51 -35.19 -32.71
C MET B 370 2.33 -36.61 -32.17
N ASP B 371 3.33 -37.47 -32.36
CA ASP B 371 3.19 -38.86 -31.89
C ASP B 371 3.15 -38.92 -30.36
N GLU B 372 4.06 -38.23 -29.68
CA GLU B 372 4.01 -38.23 -28.23
C GLU B 372 2.79 -37.46 -27.71
N VAL B 373 2.33 -36.46 -28.46
CA VAL B 373 1.10 -35.77 -28.09
C VAL B 373 -0.08 -36.74 -28.11
N GLU B 374 -0.18 -37.55 -29.16
CA GLU B 374 -1.23 -38.56 -29.23
C GLU B 374 -1.08 -39.58 -28.11
N ALA B 375 0.16 -40.00 -27.82
CA ALA B 375 0.38 -40.96 -26.76
C ALA B 375 -0.08 -40.41 -25.41
N LEU B 376 0.26 -39.16 -25.10
CA LEU B 376 -0.16 -38.58 -23.84
C LEU B 376 -1.66 -38.33 -23.80
N ALA B 377 -2.26 -37.99 -24.94
CA ALA B 377 -3.72 -37.86 -24.99
C ALA B 377 -4.40 -39.18 -24.69
N ALA B 378 -3.86 -40.28 -25.23
CA ALA B 378 -4.39 -41.60 -24.92
C ALA B 378 -4.18 -41.94 -23.45
N TRP B 379 -3.02 -41.59 -22.90
CA TRP B 379 -2.70 -42.00 -21.53
C TRP B 379 -3.49 -41.21 -20.49
N LEU B 380 -3.82 -39.94 -20.78
CA LEU B 380 -4.48 -39.13 -19.77
C LEU B 380 -5.92 -39.57 -19.53
N ALA B 381 -6.57 -40.22 -20.49
CA ALA B 381 -7.95 -40.66 -20.30
C ALA B 381 -8.10 -41.63 -19.14
N PRO B 382 -7.26 -42.67 -18.99
CA PRO B 382 -7.35 -43.47 -17.76
C PRO B 382 -7.14 -42.68 -16.48
N GLN B 383 -6.27 -41.68 -16.51
CA GLN B 383 -6.05 -40.86 -15.32
C GLN B 383 -7.28 -40.02 -15.04
N PRO B 384 -7.89 -40.12 -13.87
CA PRO B 384 -9.15 -39.41 -13.59
C PRO B 384 -8.89 -37.95 -13.23
N PHE B 385 -9.24 -37.05 -14.14
CA PHE B 385 -9.27 -35.62 -13.85
C PHE B 385 -10.51 -35.04 -14.53
N GLN B 386 -11.39 -34.44 -13.72
CA GLN B 386 -12.70 -34.04 -14.22
C GLN B 386 -12.62 -32.80 -15.11
N THR B 387 -11.83 -31.81 -14.71
CA THR B 387 -11.79 -30.55 -15.44
C THR B 387 -10.40 -30.18 -15.93
N SER B 388 -9.35 -30.49 -15.18
CA SER B 388 -8.01 -30.10 -15.57
C SER B 388 -7.01 -30.99 -14.87
N PHE B 389 -5.80 -31.03 -15.42
CA PHE B 389 -4.69 -31.79 -14.84
C PHE B 389 -3.46 -30.88 -14.80
N HIS B 390 -3.14 -30.38 -13.60
CA HIS B 390 -2.00 -29.50 -13.39
C HIS B 390 -0.92 -30.28 -12.64
N THR B 391 0.11 -30.71 -13.37
CA THR B 391 1.25 -31.40 -12.79
C THR B 391 2.49 -30.52 -12.97
N GLU B 392 3.26 -30.36 -11.90
CA GLU B 392 4.46 -29.54 -11.98
C GLU B 392 5.64 -30.35 -12.48
N ARG B 393 5.77 -31.59 -12.02
CA ARG B 393 6.84 -32.49 -12.45
C ARG B 393 6.20 -33.61 -13.26
N LEU B 394 6.42 -33.57 -14.58
CA LEU B 394 5.74 -34.52 -15.46
C LEU B 394 6.27 -35.94 -15.29
N GLY B 395 7.58 -36.09 -15.12
CA GLY B 395 8.15 -37.42 -15.04
C GLY B 395 7.65 -38.20 -13.84
N SER B 396 7.49 -37.54 -12.70
CA SER B 396 6.96 -38.21 -11.52
C SER B 396 5.54 -38.71 -11.77
N LEU B 397 4.70 -37.90 -12.39
CA LEU B 397 3.34 -38.33 -12.73
C LEU B 397 3.34 -39.23 -13.96
N TYR B 398 4.17 -38.93 -14.96
CA TYR B 398 4.19 -39.70 -16.19
C TYR B 398 5.63 -39.96 -16.62
N PRO B 399 6.12 -41.19 -16.44
CA PRO B 399 7.55 -41.48 -16.65
C PRO B 399 8.04 -41.17 -18.06
N PRO B 400 7.36 -41.63 -19.13
CA PRO B 400 8.01 -41.62 -20.45
C PRO B 400 8.45 -40.25 -20.94
N LEU B 401 7.74 -39.18 -20.58
CA LEU B 401 8.10 -37.84 -21.06
C LEU B 401 9.17 -37.17 -20.21
N ALA B 402 9.68 -37.84 -19.17
CA ALA B 402 10.73 -37.26 -18.35
C ALA B 402 12.03 -37.10 -19.12
N ALA B 403 12.23 -37.91 -20.16
CA ALA B 403 13.49 -37.87 -20.90
C ALA B 403 13.68 -36.51 -21.58
N ARG B 404 12.64 -35.98 -22.20
CA ARG B 404 12.69 -34.69 -22.89
C ARG B 404 11.69 -33.75 -22.22
N ALA B 405 12.15 -33.05 -21.18
CA ALA B 405 11.32 -32.11 -20.44
C ALA B 405 11.81 -30.68 -20.60
N ASP B 406 12.61 -30.40 -21.63
CA ASP B 406 13.08 -29.04 -21.87
C ASP B 406 11.91 -28.08 -22.14
N VAL B 407 10.87 -28.58 -22.80
CA VAL B 407 9.65 -27.80 -23.03
C VAL B 407 8.42 -28.46 -22.45
N ALA B 408 8.55 -29.68 -21.92
CA ALA B 408 7.42 -30.44 -21.39
C ALA B 408 7.63 -30.77 -19.92
N ALA B 409 8.39 -29.91 -19.22
CA ALA B 409 8.55 -30.11 -17.78
C ALA B 409 7.22 -29.94 -17.05
N GLY B 410 6.44 -28.95 -17.44
CA GLY B 410 5.13 -28.73 -16.85
C GLY B 410 4.08 -28.58 -17.93
N LEU B 411 2.91 -29.16 -17.65
CA LEU B 411 1.81 -29.12 -18.60
C LEU B 411 0.51 -28.82 -17.86
N LEU B 412 -0.41 -28.16 -18.57
CA LEU B 412 -1.76 -27.92 -18.08
C LEU B 412 -2.71 -28.41 -19.15
N ALA B 413 -3.53 -29.41 -18.81
CA ALA B 413 -4.40 -30.07 -19.76
C ALA B 413 -5.85 -29.96 -19.34
N VAL B 414 -6.72 -29.70 -20.31
CA VAL B 414 -8.15 -29.58 -20.10
C VAL B 414 -8.87 -30.41 -21.15
N ARG B 415 -10.00 -31.01 -20.77
CA ARG B 415 -10.78 -31.84 -21.67
C ARG B 415 -11.81 -30.97 -22.38
N LEU B 416 -11.61 -30.77 -23.69
CA LEU B 416 -12.54 -29.94 -24.46
C LEU B 416 -13.94 -30.56 -24.48
N ALA B 417 -14.04 -31.83 -24.84
CA ALA B 417 -15.33 -32.51 -24.83
C ALA B 417 -15.76 -32.78 -23.39
N PRO B 418 -17.07 -32.76 -23.11
CA PRO B 418 -17.53 -33.05 -21.75
C PRO B 418 -17.27 -34.50 -21.34
N ALA B 419 -17.62 -35.44 -22.22
CA ALA B 419 -17.42 -36.86 -21.97
C ALA B 419 -16.37 -37.49 -22.87
N SER B 420 -16.32 -37.08 -24.14
CA SER B 420 -15.36 -37.66 -25.07
C SER B 420 -13.95 -37.14 -24.76
N SER B 421 -12.96 -37.73 -25.46
CA SER B 421 -11.56 -37.41 -25.22
C SER B 421 -11.10 -36.38 -26.25
N ARG B 422 -11.44 -35.12 -25.98
CA ARG B 422 -10.95 -34.00 -26.78
C ARG B 422 -10.19 -33.08 -25.83
N LEU B 423 -8.94 -32.77 -26.17
CA LEU B 423 -8.01 -32.17 -25.22
C LEU B 423 -7.43 -30.87 -25.75
N ALA B 424 -7.14 -29.96 -24.82
CA ALA B 424 -6.35 -28.76 -25.08
C ALA B 424 -5.28 -28.67 -24.01
N LEU B 425 -4.03 -28.55 -24.43
CA LEU B 425 -2.90 -28.62 -23.53
C LEU B 425 -1.95 -27.44 -23.73
N TRP B 426 -1.31 -27.03 -22.65
CA TRP B 426 -0.25 -26.02 -22.69
C TRP B 426 0.99 -26.59 -22.03
N PHE B 427 2.13 -26.36 -22.67
CA PHE B 427 3.42 -26.87 -22.23
C PHE B 427 4.35 -25.71 -21.93
N ARG B 428 4.92 -25.71 -20.71
CA ARG B 428 5.87 -24.72 -20.23
C ARG B 428 7.27 -25.28 -20.25
N PRO B 429 8.28 -24.45 -20.55
CA PRO B 429 9.66 -24.94 -20.52
C PRO B 429 10.13 -25.16 -19.09
N GLU B 430 11.16 -25.99 -18.97
CA GLU B 430 11.77 -26.23 -17.66
C GLU B 430 12.48 -24.98 -17.16
N ALA B 431 12.56 -24.84 -15.85
CA ALA B 431 13.21 -23.68 -15.25
C ALA B 431 14.69 -23.64 -15.63
N VAL B 432 15.35 -22.54 -15.23
CA VAL B 432 16.74 -22.24 -15.55
C VAL B 432 16.81 -21.76 -17.00
N ARG B 433 16.13 -22.49 -17.89
CA ARG B 433 16.02 -22.04 -19.28
C ARG B 433 15.32 -20.68 -19.36
N THR B 434 14.24 -20.51 -18.60
CA THR B 434 13.48 -19.26 -18.64
C THR B 434 14.17 -18.12 -17.90
N ILE B 435 14.90 -18.42 -16.82
CA ILE B 435 15.50 -17.36 -16.04
C ILE B 435 16.69 -16.77 -16.78
N SER B 436 16.94 -15.49 -16.57
CA SER B 436 18.09 -14.82 -17.14
C SER B 436 19.32 -15.17 -16.31
N TRP B 437 20.30 -15.84 -16.93
CA TRP B 437 21.49 -16.28 -16.22
C TRP B 437 22.45 -15.09 -16.01
N ALA B 438 21.95 -14.11 -15.26
CA ALA B 438 22.74 -12.96 -14.84
C ALA B 438 23.33 -13.12 -13.46
N GLY B 439 23.06 -14.25 -12.78
CA GLY B 439 23.61 -14.48 -11.47
C GLY B 439 25.12 -14.63 -11.46
N ASN B 440 25.70 -15.01 -12.59
CA ASN B 440 27.15 -15.06 -12.69
C ASN B 440 27.73 -13.65 -12.71
N PRO B 441 28.62 -13.30 -11.80
CA PRO B 441 29.24 -11.97 -11.84
C PRO B 441 30.33 -11.82 -12.89
N ARG B 442 30.57 -12.85 -13.69
CA ARG B 442 31.70 -12.89 -14.63
C ARG B 442 32.99 -12.74 -13.81
N LYS B 443 34.06 -12.24 -14.44
CA LYS B 443 35.35 -11.92 -13.83
C LYS B 443 35.75 -12.94 -12.77
N PRO B 444 36.14 -14.16 -13.17
CA PRO B 444 36.55 -15.18 -12.18
C PRO B 444 37.58 -14.64 -11.21
N ALA B 445 37.29 -14.78 -9.92
CA ALA B 445 38.06 -14.11 -8.88
C ALA B 445 39.51 -14.57 -8.88
N GLU B 446 40.43 -13.60 -8.82
CA GLU B 446 41.86 -13.93 -8.70
C GLU B 446 42.16 -14.76 -7.47
N PRO B 447 41.65 -14.43 -6.27
CA PRO B 447 41.79 -15.37 -5.15
C PRO B 447 41.03 -16.66 -5.44
N GLU B 448 41.56 -17.77 -4.92
CA GLU B 448 40.99 -19.08 -5.19
C GLU B 448 40.06 -19.47 -4.04
N PRO B 449 38.76 -19.56 -4.27
CA PRO B 449 37.84 -20.04 -3.23
C PRO B 449 37.62 -21.54 -3.33
N GLY B 450 36.84 -22.04 -2.37
CA GLY B 450 36.53 -23.45 -2.32
C GLY B 450 35.41 -23.91 -3.23
N HIS B 451 34.85 -22.98 -4.03
CA HIS B 451 33.84 -23.24 -5.05
C HIS B 451 32.59 -23.92 -4.49
N ALA B 452 32.49 -23.99 -3.17
CA ALA B 452 31.32 -24.54 -2.51
C ALA B 452 30.71 -23.59 -1.49
N ARG B 453 31.35 -22.46 -1.22
CA ARG B 453 30.85 -21.51 -0.23
C ARG B 453 31.25 -20.11 -0.70
N LEU B 454 30.38 -19.50 -1.50
CA LEU B 454 30.61 -18.20 -2.12
C LEU B 454 29.38 -17.82 -2.94
N HIS B 455 29.39 -16.65 -3.58
CA HIS B 455 28.22 -16.26 -4.36
C HIS B 455 28.07 -17.18 -5.58
N PRO B 456 29.01 -17.20 -6.52
CA PRO B 456 28.83 -18.03 -7.71
C PRO B 456 29.34 -19.44 -7.50
N ARG B 457 28.52 -20.42 -7.90
CA ARG B 457 28.75 -21.84 -7.65
C ARG B 457 28.63 -22.14 -6.16
N GLY B 458 28.45 -23.41 -5.81
CA GLY B 458 28.11 -23.76 -4.45
C GLY B 458 26.67 -23.37 -4.18
N SER B 459 26.41 -22.07 -4.12
CA SER B 459 25.07 -21.54 -4.27
C SER B 459 24.79 -21.33 -5.75
N PHE B 460 23.52 -21.52 -6.14
CA PHE B 460 23.06 -21.44 -7.52
C PHE B 460 23.53 -22.66 -8.31
N GLN B 461 24.37 -23.49 -7.71
CA GLN B 461 24.72 -24.80 -8.26
C GLN B 461 23.94 -25.91 -7.58
N ALA B 462 23.89 -25.90 -6.25
CA ALA B 462 22.96 -26.76 -5.54
C ALA B 462 21.52 -26.38 -5.83
N TRP B 463 21.26 -25.09 -6.07
CA TRP B 463 19.90 -24.66 -6.39
C TRP B 463 19.44 -25.28 -7.71
N GLU B 464 20.30 -25.29 -8.73
CA GLU B 464 19.91 -25.80 -10.03
C GLU B 464 19.53 -27.28 -9.94
N GLU B 465 20.34 -28.08 -9.26
CA GLU B 465 20.00 -29.49 -9.10
C GLU B 465 18.80 -29.66 -8.17
N THR B 466 18.54 -28.69 -7.30
CA THR B 466 17.36 -28.76 -6.45
C THR B 466 16.08 -28.58 -7.24
N VAL B 467 16.10 -27.74 -8.28
CA VAL B 467 14.90 -27.47 -9.07
C VAL B 467 15.02 -28.05 -10.48
N ARG B 468 15.75 -29.15 -10.65
CA ARG B 468 15.70 -29.85 -11.92
C ARG B 468 14.33 -30.47 -12.11
N GLU B 469 13.90 -30.54 -13.38
CA GLU B 469 12.56 -31.02 -13.72
C GLU B 469 11.49 -30.20 -13.00
N THR B 470 11.68 -28.89 -12.97
CA THR B 470 10.78 -27.98 -12.27
C THR B 470 10.52 -26.77 -13.15
N SER B 471 9.33 -26.22 -13.01
CA SER B 471 8.90 -25.02 -13.73
C SER B 471 8.19 -24.11 -12.73
N PRO B 472 8.05 -22.83 -13.06
CA PRO B 472 7.25 -21.94 -12.20
C PRO B 472 5.87 -22.53 -11.96
N ALA B 473 5.46 -22.55 -10.69
CA ALA B 473 4.22 -23.22 -10.32
C ALA B 473 3.02 -22.54 -10.98
N TRP B 474 2.06 -23.35 -11.41
CA TRP B 474 0.84 -22.85 -12.03
C TRP B 474 0.05 -22.05 -11.01
N LYS B 475 -0.04 -20.73 -11.23
CA LYS B 475 -0.73 -19.85 -10.30
C LYS B 475 -2.23 -19.99 -10.49
N ARG B 476 -2.99 -19.10 -9.86
CA ARG B 476 -4.45 -19.15 -9.99
C ARG B 476 -4.91 -18.59 -11.33
N ALA B 477 -4.28 -17.51 -11.81
CA ALA B 477 -4.78 -16.80 -12.97
C ALA B 477 -4.64 -17.62 -14.24
N ASP B 478 -3.50 -18.29 -14.43
CA ASP B 478 -3.29 -19.04 -15.66
C ASP B 478 -4.23 -20.24 -15.75
N LEU B 479 -4.45 -20.94 -14.64
CA LEU B 479 -5.42 -22.04 -14.67
C LEU B 479 -6.83 -21.53 -14.83
N ALA B 480 -7.14 -20.35 -14.27
CA ALA B 480 -8.45 -19.75 -14.49
C ALA B 480 -8.67 -19.46 -15.97
N ALA B 481 -7.66 -18.91 -16.64
CA ALA B 481 -7.77 -18.66 -18.07
C ALA B 481 -7.89 -19.97 -18.85
N ALA B 482 -7.13 -20.99 -18.44
CA ALA B 482 -7.20 -22.27 -19.13
C ALA B 482 -8.57 -22.90 -19.02
N GLU B 483 -9.18 -22.85 -17.83
CA GLU B 483 -10.52 -23.41 -17.68
C GLU B 483 -11.56 -22.53 -18.36
N GLY B 484 -11.33 -21.22 -18.44
CA GLY B 484 -12.20 -20.36 -19.21
C GLY B 484 -12.15 -20.67 -20.70
N PHE B 485 -10.99 -21.09 -21.19
CA PHE B 485 -10.89 -21.48 -22.61
C PHE B 485 -11.81 -22.64 -22.93
N ARG B 486 -11.89 -23.63 -22.04
CA ARG B 486 -12.80 -24.75 -22.23
C ARG B 486 -14.22 -24.44 -21.79
N SER B 487 -14.39 -23.49 -20.87
CA SER B 487 -15.72 -23.14 -20.38
C SER B 487 -16.60 -22.62 -21.53
N ALA B 488 -17.88 -22.46 -21.24
CA ALA B 488 -18.82 -22.05 -22.26
C ALA B 488 -18.77 -20.54 -22.48
N LEU B 489 -17.57 -20.02 -22.72
CA LEU B 489 -17.36 -18.62 -23.07
C LEU B 489 -16.78 -18.49 -24.47
N ILE B 490 -15.69 -19.19 -24.76
CA ILE B 490 -15.17 -19.31 -26.12
C ILE B 490 -15.41 -20.70 -26.69
N GLY B 491 -15.57 -21.73 -25.83
CA GLY B 491 -15.88 -23.05 -26.33
C GLY B 491 -17.19 -23.12 -27.07
N VAL B 492 -18.20 -22.40 -26.59
CA VAL B 492 -19.47 -22.33 -27.32
C VAL B 492 -19.29 -21.59 -28.63
N VAL B 493 -18.44 -20.56 -28.64
CA VAL B 493 -18.16 -19.84 -29.87
C VAL B 493 -17.47 -20.76 -30.88
N LEU B 494 -16.58 -21.62 -30.39
CA LEU B 494 -16.01 -22.66 -31.24
C LEU B 494 -17.08 -23.64 -31.73
N ARG B 495 -18.02 -24.00 -30.85
CA ARG B 495 -19.05 -24.95 -31.22
C ARG B 495 -19.94 -24.41 -32.34
N GLN B 496 -20.23 -23.11 -32.31
CA GLN B 496 -21.10 -22.54 -33.32
C GLN B 496 -20.57 -22.73 -34.74
N ALA B 497 -19.27 -22.97 -34.89
CA ALA B 497 -18.72 -23.29 -36.21
C ALA B 497 -19.32 -24.59 -36.74
N ALA B 498 -19.58 -25.55 -35.84
CA ALA B 498 -20.21 -26.80 -36.26
C ALA B 498 -21.61 -26.56 -36.82
N GLU B 499 -22.40 -25.71 -36.14
CA GLU B 499 -23.74 -25.41 -36.64
C GLU B 499 -23.69 -24.61 -37.94
N LEU B 500 -22.72 -23.70 -38.08
CA LEU B 500 -22.57 -22.99 -39.34
C LEU B 500 -22.21 -23.96 -40.47
N GLU B 501 -21.34 -24.92 -40.20
CA GLU B 501 -21.03 -25.94 -41.19
C GLU B 501 -22.25 -26.78 -41.53
N ARG B 502 -23.06 -27.12 -40.52
CA ARG B 502 -24.27 -27.90 -40.76
C ARG B 502 -25.26 -27.15 -41.64
N LEU B 503 -25.45 -25.85 -41.39
CA LEU B 503 -26.33 -25.08 -42.26
C LEU B 503 -25.73 -24.92 -43.66
N SER B 504 -24.40 -24.86 -43.76
CA SER B 504 -23.77 -24.80 -45.08
C SER B 504 -24.05 -26.07 -45.87
N GLU B 505 -23.93 -27.24 -45.22
CA GLU B 505 -24.25 -28.48 -45.91
C GLU B 505 -25.74 -28.61 -46.19
N ALA B 506 -26.59 -28.07 -45.32
CA ALA B 506 -28.03 -28.05 -45.60
C ALA B 506 -28.33 -27.23 -46.84
N LEU B 507 -27.68 -26.08 -46.98
CA LEU B 507 -27.77 -25.32 -48.22
C LEU B 507 -27.10 -26.06 -49.37
N SER B 508 -25.99 -26.74 -49.08
CA SER B 508 -25.28 -27.49 -50.11
C SER B 508 -26.10 -28.67 -50.59
N ARG B 509 -25.90 -29.03 -51.87
CA ARG B 509 -26.56 -30.17 -52.52
C ARG B 509 -28.07 -29.98 -52.61
N SER B 510 -28.58 -28.84 -52.16
CA SER B 510 -30.00 -28.57 -52.22
C SER B 510 -30.26 -27.17 -52.78
N ASN B 511 -29.31 -26.26 -52.56
CA ASN B 511 -29.42 -24.87 -53.02
C ASN B 511 -30.71 -24.22 -52.54
CHA BLA C . -13.81 24.57 6.74
NA BLA C . -16.01 23.30 6.34
C1A BLA C . -14.67 23.32 6.49
C2A BLA C . -14.21 22.03 6.37
C3A BLA C . -15.27 21.24 6.15
C4A BLA C . -16.40 22.02 6.14
CMA BLA C . -15.21 19.71 5.97
CAA BLA C . -12.75 21.57 6.46
CBA BLA C . -12.21 21.68 7.90
CGA BLA C . -13.14 20.97 8.88
O1A BLA C . -13.55 21.59 9.90
O2A BLA C . -13.48 19.79 8.68
CHB BLA C . -17.85 21.59 5.93
NB BLA C . -19.43 19.62 5.76
C1B BLA C . -18.40 20.52 6.47
C2B BLA C . -18.19 19.91 7.81
C3B BLA C . -19.00 18.75 7.98
C4B BLA C . -19.80 18.49 6.75
CMB BLA C . -17.25 20.44 8.90
OB BLA C . -20.57 17.62 6.57
CAB BLA C . -19.03 17.90 9.23
CBB BLA C . -20.18 17.57 9.78
NC BLA C . -18.29 27.49 5.40
C1C BLA C . -19.80 27.51 5.12
C2C BLA C . -20.00 28.02 3.73
C3C BLA C . -18.62 28.29 3.14
C4C BLA C . -17.55 27.99 4.14
CMC BLA C . -20.68 26.93 2.89
OC BLA C . -20.65 27.19 5.88
CAC BLA C . -18.41 28.76 1.93
CBC BLA C . -19.29 29.84 1.39
CHD BLA C . -16.26 28.13 3.98
ND BLA C . -15.30 25.99 5.26
C1D BLA C . -15.28 27.43 4.89
C2D BLA C . -14.13 28.08 5.58
C3D BLA C . -13.43 27.06 6.37
C4D BLA C . -14.14 25.71 6.19
CMD BLA C . -13.74 29.56 5.49
CAD BLA C . -12.19 27.28 7.23
CBD BLA C . -10.96 26.89 6.44
CGD BLA C . -10.58 25.46 6.78
O1D BLA C . -10.48 25.10 7.97
O2D BLA C . -10.36 24.63 5.85
CHA BLA D . 23.60 -15.99 6.77
NA BLA D . 23.28 -16.64 4.30
C1A BLA D . 23.04 -15.81 5.36
C2A BLA D . 22.22 -14.80 4.94
C3A BLA D . 21.95 -15.01 3.63
C4A BLA D . 22.61 -16.14 3.24
CMA BLA D . 21.08 -14.13 2.75
CAA BLA D . 21.70 -13.64 5.79
CBA BLA D . 22.50 -12.37 5.49
CGA BLA D . 23.05 -11.79 6.79
O1A BLA D . 24.05 -12.32 7.35
O2A BLA D . 22.50 -10.78 7.30
CHB BLA D . 22.59 -16.76 1.84
NB BLA D . 23.57 -17.37 -0.39
C1B BLA D . 23.38 -16.47 0.84
C2B BLA D . 24.26 -15.28 0.59
C3B BLA D . 24.94 -15.41 -0.65
C4B BLA D . 24.57 -16.67 -1.33
CMB BLA D . 24.44 -14.07 1.50
OB BLA D . 24.97 -17.07 -2.38
CAB BLA D . 25.91 -14.38 -1.22
CBB BLA D . 25.45 -13.28 -1.77
NC BLA D . 25.15 -20.50 4.84
C1C BLA D . 26.00 -21.31 3.83
C2C BLA D . 26.10 -22.70 4.36
C3C BLA D . 25.33 -22.76 5.68
C4C BLA D . 24.74 -21.43 5.99
CMC BLA D . 25.46 -23.66 3.35
OC BLA D . 26.47 -20.91 2.83
CAC BLA D . 25.22 -23.83 6.43
CBC BLA D . 24.00 -24.69 6.35
CHD BLA D . 24.02 -21.09 7.04
ND BLA D . 23.76 -18.50 6.49
C1D BLA D . 23.95 -19.62 7.44
C2D BLA D . 24.07 -19.08 8.82
C3D BLA D . 23.95 -17.61 8.73
C4D BLA D . 23.75 -17.21 7.27
CMD BLA D . 24.28 -19.89 10.09
CAD BLA D . 24.02 -16.66 9.92
CBD BLA D . 22.65 -16.04 10.18
CGD BLA D . 22.85 -14.56 10.52
O1D BLA D . 23.08 -14.21 11.71
O2D BLA D . 22.78 -13.70 9.61
#